data_9IVE
#
_entry.id   9IVE
#
_cell.length_a   66.927
_cell.length_b   78.806
_cell.length_c   92.094
_cell.angle_alpha   96.84
_cell.angle_beta   108.76
_cell.angle_gamma   112.90
#
_symmetry.space_group_name_H-M   'P 1'
#
loop_
_entity.id
_entity.type
_entity.pdbx_description
1 polymer 'Branched-chain amino acid transferase'
2 non-polymer ALANINE
3 water water
#
_entity_poly.entity_id   1
_entity_poly.type   'polypeptide(L)'
_entity_poly.pdbx_seq_one_letter_code
;MSTGTSNLVAVEPGAIREDTPPGSVIQYSDYELDHSSPFAGGVAWIEGEFLPAEDAKISIFDTGFGHSDLTYTVAHVWHG
NIFRLGDHLDRLLDGARKLRLDAGYTKDELADITKQCVSMSQLRESFVNLTVTRGYGKRRGEKDLSKLTHQVYIYAIPYL
WAFPPAEQIFGTTAIVPRHVRRAGRNTVDPTI(LLP)NYQWGDLTAASFEAKDRGARTAILLDSDNCVAEGPGFNVCIVK
DGKLASPSRNALPGITRKTVFEIADQMGIEATLRDVTSHELYDADELMAVTTAGGVTPINSLDGEAIGNGAPGPMTVAIR
DRFWALMDEPGPLIEAIEY
;
_entity_poly.pdbx_strand_id   A,B,C,D
#
# COMPACT_ATOMS: atom_id res chain seq x y z
N THR A 3 26.03 -17.19 3.17
CA THR A 3 26.59 -16.81 4.46
C THR A 3 25.69 -17.20 5.64
N GLY A 4 24.39 -16.94 5.52
CA GLY A 4 23.46 -17.18 6.59
C GLY A 4 23.49 -16.16 7.71
N THR A 5 24.32 -15.12 7.61
CA THR A 5 24.45 -14.10 8.64
C THR A 5 24.18 -12.73 8.03
N SER A 6 23.19 -12.02 8.59
CA SER A 6 22.87 -10.66 8.19
C SER A 6 23.88 -9.69 8.81
N ASN A 7 23.65 -8.39 8.62
CA ASN A 7 24.46 -7.36 9.26
C ASN A 7 23.93 -6.97 10.64
N LEU A 8 22.88 -7.64 11.12
CA LEU A 8 22.28 -7.32 12.41
C LEU A 8 23.08 -7.98 13.54
N VAL A 9 23.21 -7.26 14.65
CA VAL A 9 23.90 -7.83 15.81
C VAL A 9 23.11 -9.01 16.35
N ALA A 10 23.82 -10.11 16.67
CA ALA A 10 23.17 -11.24 17.31
C ALA A 10 22.80 -10.87 18.74
N VAL A 11 21.53 -11.03 19.09
CA VAL A 11 21.05 -10.69 20.43
C VAL A 11 21.29 -11.93 21.29
N GLU A 12 22.47 -12.00 21.90
CA GLU A 12 22.87 -13.13 22.73
C GLU A 12 23.96 -12.66 23.69
N PRO A 13 24.24 -13.41 24.75
CA PRO A 13 25.30 -13.00 25.68
C PRO A 13 26.65 -12.88 24.96
N GLY A 14 27.34 -11.78 25.25
CA GLY A 14 28.55 -11.41 24.53
C GLY A 14 29.65 -10.90 25.44
N ALA A 15 30.71 -10.33 24.86
CA ALA A 15 31.82 -9.84 25.66
C ALA A 15 31.39 -8.72 26.61
N ILE A 16 32.02 -8.70 27.79
CA ILE A 16 31.63 -7.74 28.81
C ILE A 16 32.09 -6.34 28.43
N ARG A 17 33.18 -6.22 27.68
CA ARG A 17 33.60 -4.93 27.13
C ARG A 17 34.18 -5.15 25.75
N GLU A 18 34.12 -4.09 24.96
CA GLU A 18 34.62 -4.08 23.59
C GLU A 18 35.39 -2.78 23.41
N ASP A 19 36.37 -2.80 22.50
CA ASP A 19 37.15 -1.59 22.25
C ASP A 19 36.26 -0.45 21.78
N THR A 20 36.53 0.75 22.29
CA THR A 20 35.87 1.98 21.88
C THR A 20 36.94 3.01 21.52
N PRO A 21 36.61 3.98 20.65
CA PRO A 21 37.64 4.92 20.18
C PRO A 21 38.22 5.74 21.33
N PRO A 22 39.54 5.85 21.40
CA PRO A 22 40.18 6.55 22.54
C PRO A 22 39.81 8.02 22.57
N GLY A 23 39.57 8.53 23.77
CA GLY A 23 39.19 9.93 23.94
C GLY A 23 37.76 10.26 23.53
N SER A 24 37.02 9.32 22.96
CA SER A 24 35.64 9.52 22.55
C SER A 24 34.71 9.51 23.77
N VAL A 25 33.46 9.93 23.53
CA VAL A 25 32.47 10.01 24.61
C VAL A 25 31.97 8.66 25.09
N ILE A 26 32.33 7.57 24.41
CA ILE A 26 31.86 6.23 24.74
C ILE A 26 33.02 5.47 25.38
N GLN A 27 32.90 5.18 26.69
CA GLN A 27 33.90 4.39 27.40
C GLN A 27 33.24 3.44 28.39
N TYR A 28 33.63 2.16 28.33
CA TYR A 28 33.15 1.19 29.29
C TYR A 28 33.79 1.43 30.67
N SER A 29 33.17 0.86 31.70
CA SER A 29 33.65 1.02 33.06
C SER A 29 34.77 0.05 33.39
N ASP A 30 35.59 0.39 34.37
CA ASP A 30 36.70 -0.46 34.79
C ASP A 30 36.31 -1.31 35.99
N TYR A 31 36.06 -2.59 35.76
CA TYR A 31 35.68 -3.49 36.79
C TYR A 31 35.96 -4.89 36.29
N GLU A 32 35.72 -5.84 37.17
CA GLU A 32 35.98 -7.24 36.95
C GLU A 32 34.77 -8.02 37.46
N LEU A 33 34.44 -9.09 36.75
CA LEU A 33 33.35 -9.96 37.14
C LEU A 33 33.82 -10.92 38.21
N ASP A 34 32.95 -11.23 39.16
CA ASP A 34 33.25 -12.22 40.21
C ASP A 34 32.64 -13.53 39.73
N HIS A 35 33.47 -14.37 39.12
CA HIS A 35 32.98 -15.54 38.39
C HIS A 35 32.67 -16.74 39.27
N SER A 36 32.88 -16.64 40.59
CA SER A 36 32.39 -17.68 41.50
C SER A 36 30.86 -17.70 41.52
N SER A 37 30.24 -16.55 41.30
CA SER A 37 28.78 -16.47 41.19
C SER A 37 28.35 -16.92 39.80
N PRO A 38 27.38 -17.83 39.70
CA PRO A 38 26.94 -18.28 38.38
C PRO A 38 26.18 -17.20 37.63
N PHE A 39 25.68 -16.19 38.33
CA PHE A 39 24.96 -15.08 37.72
C PHE A 39 25.89 -14.07 37.06
N ALA A 40 27.18 -14.12 37.34
CA ALA A 40 28.12 -13.14 36.82
C ALA A 40 28.12 -13.16 35.29
N GLY A 41 27.86 -11.99 34.69
CA GLY A 41 27.91 -11.84 33.26
C GLY A 41 26.57 -11.91 32.55
N GLY A 42 25.50 -12.29 33.23
CA GLY A 42 24.21 -12.39 32.58
C GLY A 42 23.16 -13.13 33.39
N VAL A 43 22.00 -12.49 33.56
CA VAL A 43 20.91 -13.02 34.38
C VAL A 43 19.62 -12.98 33.57
N ALA A 44 18.85 -14.06 33.64
CA ALA A 44 17.53 -14.09 33.06
C ALA A 44 16.50 -14.43 34.14
N TRP A 45 15.29 -13.91 33.98
CA TRP A 45 14.19 -14.18 34.92
C TRP A 45 13.04 -14.78 34.11
N ILE A 46 12.84 -16.09 34.25
CA ILE A 46 11.91 -16.87 33.45
C ILE A 46 11.01 -17.64 34.39
N GLU A 47 9.70 -17.48 34.22
CA GLU A 47 8.70 -18.19 35.01
C GLU A 47 8.95 -18.02 36.51
N GLY A 48 9.25 -16.78 36.92
CA GLY A 48 9.40 -16.43 38.32
C GLY A 48 10.70 -16.80 38.97
N GLU A 49 11.68 -17.28 38.21
CA GLU A 49 12.94 -17.77 38.74
C GLU A 49 14.08 -17.01 38.08
N PHE A 50 14.98 -16.47 38.90
CA PHE A 50 16.19 -15.86 38.37
C PHE A 50 17.14 -16.96 37.95
N LEU A 51 17.75 -16.80 36.79
CA LEU A 51 18.63 -17.83 36.25
C LEU A 51 19.88 -17.22 35.65
N PRO A 52 20.95 -18.01 35.54
CA PRO A 52 22.06 -17.61 34.68
C PRO A 52 21.61 -17.53 33.22
N ALA A 53 22.14 -16.55 32.50
CA ALA A 53 21.62 -16.27 31.16
C ALA A 53 21.83 -17.44 30.21
N GLU A 54 22.99 -18.11 30.28
CA GLU A 54 23.26 -19.19 29.34
C GLU A 54 22.26 -20.34 29.45
N ASP A 55 21.60 -20.48 30.60
CA ASP A 55 20.58 -21.50 30.80
C ASP A 55 19.17 -21.03 30.47
N ALA A 56 18.98 -19.78 30.07
CA ALA A 56 17.63 -19.24 29.90
C ALA A 56 16.95 -19.91 28.72
N LYS A 57 15.78 -20.51 28.99
CA LYS A 57 15.01 -21.27 28.01
C LYS A 57 13.53 -21.06 28.25
N ILE A 58 12.76 -21.06 27.15
CA ILE A 58 11.32 -20.89 27.19
C ILE A 58 10.66 -22.07 26.48
N SER A 59 9.42 -22.36 26.86
CA SER A 59 8.69 -23.43 26.20
C SER A 59 8.54 -23.15 24.71
N ILE A 60 8.83 -24.15 23.88
CA ILE A 60 8.65 -24.03 22.44
C ILE A 60 7.19 -23.76 22.11
N PHE A 61 6.28 -24.06 23.02
CA PHE A 61 4.86 -23.89 22.77
C PHE A 61 4.34 -22.51 23.21
N ASP A 62 5.21 -21.61 23.67
CA ASP A 62 4.76 -20.26 23.92
C ASP A 62 4.28 -19.65 22.61
N THR A 63 3.07 -19.10 22.63
CA THR A 63 2.53 -18.44 21.45
C THR A 63 3.33 -17.19 21.10
N GLY A 64 4.13 -16.67 22.04
CA GLY A 64 5.13 -15.69 21.70
C GLY A 64 6.16 -16.17 20.69
N PHE A 65 6.34 -17.48 20.58
CA PHE A 65 7.21 -18.04 19.53
C PHE A 65 6.40 -18.29 18.27
N GLY A 66 5.43 -19.21 18.36
CA GLY A 66 4.74 -19.71 17.18
C GLY A 66 3.89 -18.67 16.46
N HIS A 67 3.44 -17.64 17.16
CA HIS A 67 2.71 -16.54 16.52
C HIS A 67 3.39 -15.20 16.72
N SER A 68 4.59 -15.18 17.30
CA SER A 68 5.28 -13.96 17.68
C SER A 68 4.31 -13.00 18.34
N ASP A 69 3.41 -13.56 19.16
CA ASP A 69 2.34 -12.82 19.80
C ASP A 69 2.90 -12.25 21.10
N LEU A 70 3.50 -11.07 21.00
CA LEU A 70 4.26 -10.51 22.11
C LEU A 70 4.57 -9.05 21.82
N THR A 71 5.01 -8.35 22.87
CA THR A 71 5.74 -7.10 22.75
C THR A 71 6.88 -7.11 23.76
N TYR A 72 7.79 -6.15 23.63
CA TYR A 72 8.98 -6.13 24.47
C TYR A 72 9.54 -4.72 24.49
N THR A 73 10.48 -4.51 25.39
CA THR A 73 11.28 -3.29 25.37
C THR A 73 12.68 -3.64 25.80
N VAL A 74 13.60 -2.74 25.46
CA VAL A 74 15.02 -2.88 25.78
C VAL A 74 15.47 -1.59 26.44
N ALA A 75 16.01 -1.68 27.65
CA ALA A 75 16.65 -0.55 28.31
C ALA A 75 18.15 -0.82 28.34
N HIS A 76 18.97 0.23 28.39
CA HIS A 76 20.40 -0.03 28.48
C HIS A 76 20.88 0.40 29.87
N VAL A 77 21.94 -0.24 30.34
CA VAL A 77 22.63 0.15 31.56
C VAL A 77 24.03 0.63 31.16
N TRP A 78 24.41 1.81 31.63
CA TRP A 78 25.71 2.37 31.29
C TRP A 78 26.35 2.95 32.55
N HIS A 79 27.61 2.57 32.79
CA HIS A 79 28.33 2.99 34.00
C HIS A 79 27.51 2.67 35.24
N GLY A 80 26.86 1.53 35.21
CA GLY A 80 26.03 1.09 36.30
C GLY A 80 24.70 1.81 36.46
N ASN A 81 24.29 2.66 35.52
CA ASN A 81 23.03 3.39 35.63
C ASN A 81 22.05 2.92 34.56
N ILE A 82 20.82 2.57 34.96
CA ILE A 82 19.77 2.23 34.01
C ILE A 82 19.06 3.51 33.55
N PHE A 83 18.78 3.59 32.26
CA PHE A 83 18.36 4.82 31.59
C PHE A 83 16.86 4.74 31.28
N ARG A 84 16.10 5.67 31.87
CA ARG A 84 14.67 5.91 31.56
C ARG A 84 13.84 4.65 31.71
N LEU A 85 14.11 3.88 32.77
CA LEU A 85 13.40 2.61 32.95
C LEU A 85 11.91 2.84 33.06
N GLY A 86 11.49 3.93 33.71
CA GLY A 86 10.07 4.19 33.86
C GLY A 86 9.37 4.40 32.53
N ASP A 87 10.01 5.13 31.61
CA ASP A 87 9.43 5.31 30.28
C ASP A 87 9.33 4.00 29.52
N HIS A 88 10.34 3.14 29.68
CA HIS A 88 10.34 1.84 29.02
C HIS A 88 9.22 0.97 29.56
N LEU A 89 9.02 0.99 30.88
CA LEU A 89 7.95 0.20 31.47
C LEU A 89 6.58 0.73 31.03
N ASP A 90 6.42 2.06 30.99
CA ASP A 90 5.17 2.63 30.50
C ASP A 90 4.89 2.16 29.07
N ARG A 91 5.90 2.22 28.19
CA ARG A 91 5.71 1.82 26.81
C ARG A 91 5.37 0.34 26.70
N LEU A 92 6.12 -0.49 27.42
CA LEU A 92 5.89 -1.94 27.40
C LEU A 92 4.46 -2.27 27.81
N LEU A 93 3.99 -1.67 28.91
CA LEU A 93 2.67 -1.97 29.43
C LEU A 93 1.58 -1.39 28.53
N ASP A 94 1.84 -0.23 27.93
CA ASP A 94 0.87 0.34 27.02
C ASP A 94 0.72 -0.53 25.77
N GLY A 95 1.84 -0.97 25.21
CA GLY A 95 1.76 -1.90 24.08
C GLY A 95 1.11 -3.22 24.45
N ALA A 96 1.42 -3.76 25.63
CA ALA A 96 0.78 -5.00 26.05
C ALA A 96 -0.73 -4.82 26.17
N ARG A 97 -1.16 -3.68 26.69
CA ARG A 97 -2.60 -3.41 26.76
C ARG A 97 -3.22 -3.40 25.38
N LYS A 98 -2.56 -2.77 24.41
CA LYS A 98 -3.11 -2.75 23.06
C LYS A 98 -3.18 -4.14 22.46
N LEU A 99 -2.32 -5.06 22.91
CA LEU A 99 -2.33 -6.45 22.45
C LEU A 99 -3.22 -7.35 23.29
N ARG A 100 -3.95 -6.80 24.26
CA ARG A 100 -4.80 -7.58 25.17
C ARG A 100 -3.96 -8.58 25.98
N LEU A 101 -2.73 -8.19 26.29
CA LEU A 101 -1.80 -9.00 27.07
C LEU A 101 -1.79 -8.45 28.49
N ASP A 102 -1.78 -9.34 29.48
CA ASP A 102 -1.78 -8.93 30.88
C ASP A 102 -0.50 -9.48 31.51
N ALA A 103 0.42 -8.58 31.84
CA ALA A 103 1.71 -8.98 32.37
C ALA A 103 1.58 -9.72 33.70
N GLY A 104 0.51 -9.47 34.45
CA GLY A 104 0.36 -10.03 35.77
C GLY A 104 1.19 -9.37 36.85
N TYR A 105 2.04 -8.41 36.48
CA TYR A 105 2.88 -7.68 37.42
C TYR A 105 2.66 -6.20 37.24
N THR A 106 2.79 -5.44 38.34
CA THR A 106 2.69 -4.00 38.19
C THR A 106 4.01 -3.43 37.66
N LYS A 107 3.95 -2.16 37.27
CA LYS A 107 5.13 -1.47 36.77
C LYS A 107 6.24 -1.47 37.82
N ASP A 108 5.88 -1.21 39.08
CA ASP A 108 6.88 -1.18 40.14
C ASP A 108 7.50 -2.56 40.37
N GLU A 109 6.68 -3.61 40.31
CA GLU A 109 7.21 -4.96 40.46
C GLU A 109 8.19 -5.29 39.34
N LEU A 110 7.84 -4.93 38.10
CA LEU A 110 8.73 -5.19 36.96
C LEU A 110 10.02 -4.40 37.08
N ALA A 111 9.94 -3.17 37.59
CA ALA A 111 11.15 -2.39 37.83
C ALA A 111 12.06 -3.09 38.82
N ASP A 112 11.50 -3.54 39.94
CA ASP A 112 12.31 -4.20 40.97
C ASP A 112 12.98 -5.44 40.40
N ILE A 113 12.21 -6.27 39.70
CA ILE A 113 12.77 -7.49 39.13
C ILE A 113 13.85 -7.17 38.10
N THR A 114 13.61 -6.13 37.28
CA THR A 114 14.58 -5.76 36.25
C THR A 114 15.89 -5.29 36.87
N LYS A 115 15.79 -4.38 37.85
CA LYS A 115 16.99 -3.89 38.50
C LYS A 115 17.71 -5.02 39.23
N GLN A 116 16.95 -5.96 39.80
CA GLN A 116 17.56 -7.14 40.42
C GLN A 116 18.34 -7.98 39.42
N CYS A 117 17.80 -8.18 38.21
CA CYS A 117 18.54 -8.93 37.20
C CYS A 117 19.88 -8.28 36.90
N VAL A 118 19.88 -6.96 36.76
CA VAL A 118 21.09 -6.21 36.48
C VAL A 118 22.10 -6.33 37.62
N SER A 119 21.64 -6.09 38.84
CA SER A 119 22.49 -6.17 40.02
C SER A 119 23.17 -7.53 40.10
N MET A 120 22.38 -8.60 40.04
CA MET A 120 22.91 -9.95 40.11
C MET A 120 23.89 -10.27 38.97
N SER A 121 23.67 -9.70 37.79
CA SER A 121 24.58 -9.97 36.68
C SER A 121 25.95 -9.34 36.89
N GLN A 122 26.02 -8.29 37.73
CA GLN A 122 27.23 -7.51 37.99
C GLN A 122 27.62 -6.60 36.84
N LEU A 123 26.82 -6.51 35.79
CA LEU A 123 27.22 -5.77 34.59
C LEU A 123 27.01 -4.28 34.80
N ARG A 124 28.07 -3.50 34.55
CA ARG A 124 27.96 -2.04 34.60
C ARG A 124 27.46 -1.48 33.28
N GLU A 125 27.68 -2.21 32.19
CA GLU A 125 27.12 -1.91 30.87
C GLU A 125 26.30 -3.11 30.46
N SER A 126 25.00 -2.92 30.20
CA SER A 126 24.11 -4.05 30.00
C SER A 126 23.02 -3.73 28.99
N PHE A 127 22.62 -4.76 28.24
CA PHE A 127 21.44 -4.75 27.38
C PHE A 127 20.35 -5.52 28.12
N VAL A 128 19.24 -4.84 28.41
CA VAL A 128 18.20 -5.35 29.32
C VAL A 128 16.88 -5.44 28.58
N ASN A 129 16.34 -6.66 28.49
CA ASN A 129 15.13 -6.94 27.72
C ASN A 129 14.00 -7.34 28.65
N LEU A 130 12.82 -6.74 28.46
CA LEU A 130 11.59 -7.23 29.09
C LEU A 130 10.65 -7.63 27.95
N THR A 131 10.22 -8.89 27.94
CA THR A 131 9.32 -9.41 26.91
C THR A 131 8.05 -9.92 27.58
N VAL A 132 6.89 -9.57 27.01
CA VAL A 132 5.60 -10.04 27.51
C VAL A 132 4.94 -10.81 26.38
N THR A 133 4.71 -12.12 26.57
CA THR A 133 4.12 -12.95 25.53
C THR A 133 2.74 -13.46 25.92
N ARG A 134 2.01 -13.94 24.90
CA ARG A 134 0.71 -14.57 25.05
C ARG A 134 0.79 -15.87 25.84
N GLY A 135 1.96 -16.50 25.89
CA GLY A 135 2.14 -17.61 26.81
C GLY A 135 1.58 -18.91 26.28
N TYR A 136 1.26 -19.80 27.22
CA TYR A 136 0.75 -21.13 26.90
C TYR A 136 -0.14 -21.61 28.04
N GLY A 137 -0.85 -22.71 27.79
CA GLY A 137 -1.68 -23.34 28.81
C GLY A 137 -0.93 -23.70 30.08
N LEU A 148 -4.81 -20.54 29.58
CA LEU A 148 -3.91 -19.65 28.85
C LEU A 148 -3.33 -18.61 29.80
N THR A 149 -2.01 -18.66 30.01
CA THR A 149 -1.33 -17.81 30.98
C THR A 149 -0.23 -17.02 30.27
N HIS A 150 -0.39 -15.69 30.22
CA HIS A 150 0.60 -14.85 29.56
C HIS A 150 1.91 -14.84 30.34
N GLN A 151 3.02 -14.74 29.61
CA GLN A 151 4.35 -14.91 30.21
C GLN A 151 5.14 -13.61 30.13
N VAL A 152 5.93 -13.35 31.19
CA VAL A 152 6.88 -12.25 31.22
C VAL A 152 8.27 -12.85 31.36
N TYR A 153 9.18 -12.46 30.46
CA TYR A 153 10.58 -12.88 30.51
C TYR A 153 11.46 -11.63 30.53
N ILE A 154 12.46 -11.63 31.41
CA ILE A 154 13.41 -10.51 31.53
C ILE A 154 14.82 -11.07 31.49
N TYR A 155 15.74 -10.34 30.84
CA TYR A 155 17.14 -10.75 30.94
C TYR A 155 18.01 -9.51 30.88
N ALA A 156 19.19 -9.61 31.49
CA ALA A 156 20.21 -8.58 31.41
C ALA A 156 21.51 -9.27 31.01
N ILE A 157 22.06 -8.89 29.87
CA ILE A 157 23.23 -9.55 29.30
C ILE A 157 24.25 -8.46 28.97
N PRO A 158 25.48 -8.78 28.58
CA PRO A 158 26.46 -7.72 28.29
C PRO A 158 25.98 -6.81 27.16
N TYR A 159 26.53 -5.60 27.16
CA TYR A 159 26.08 -4.55 26.24
C TYR A 159 26.16 -5.00 24.80
N LEU A 160 25.15 -4.64 24.01
CA LEU A 160 25.08 -4.97 22.59
C LEU A 160 24.99 -3.69 21.77
N TRP A 161 25.66 -3.68 20.63
CA TRP A 161 25.77 -2.50 19.79
C TRP A 161 25.03 -2.73 18.48
N ALA A 162 23.97 -1.95 18.21
CA ALA A 162 23.33 -2.03 16.89
C ALA A 162 24.33 -1.71 15.80
N PHE A 163 25.20 -0.73 16.05
CA PHE A 163 26.33 -0.37 15.21
C PHE A 163 27.57 -0.37 16.08
N PRO A 164 28.71 -0.82 15.56
CA PRO A 164 29.90 -0.92 16.40
C PRO A 164 30.28 0.45 16.95
N PRO A 165 30.93 0.48 18.12
CA PRO A 165 31.36 1.76 18.70
C PRO A 165 32.11 2.66 17.72
N ALA A 166 32.93 2.08 16.85
CA ALA A 166 33.67 2.87 15.87
C ALA A 166 32.72 3.63 14.95
N GLU A 167 31.60 3.01 14.59
CA GLU A 167 30.66 3.69 13.71
C GLU A 167 29.83 4.71 14.47
N GLN A 168 29.65 4.50 15.79
CA GLN A 168 29.00 5.53 16.60
C GLN A 168 29.80 6.83 16.54
N ILE A 169 31.11 6.72 16.50
CA ILE A 169 31.97 7.90 16.53
C ILE A 169 32.22 8.43 15.13
N PHE A 170 32.52 7.56 14.16
CA PHE A 170 32.93 7.97 12.82
C PHE A 170 31.87 7.77 11.73
N GLY A 171 30.70 7.23 12.07
CA GLY A 171 29.61 7.16 11.12
C GLY A 171 29.52 5.80 10.44
N THR A 172 28.33 5.49 9.94
CA THR A 172 28.03 4.24 9.25
C THR A 172 27.48 4.54 7.86
N THR A 173 27.13 3.48 7.12
CA THR A 173 26.64 3.60 5.76
C THR A 173 25.26 2.95 5.62
N ALA A 174 24.41 3.49 4.74
CA ALA A 174 23.06 2.98 4.59
C ALA A 174 22.65 2.93 3.12
N ILE A 175 21.68 2.05 2.82
CA ILE A 175 20.96 2.05 1.55
C ILE A 175 19.46 2.12 1.81
N VAL A 176 18.71 2.52 0.79
CA VAL A 176 17.25 2.34 0.76
C VAL A 176 16.96 1.07 -0.04
N PRO A 177 16.25 0.09 0.53
CA PRO A 177 16.03 -1.17 -0.19
C PRO A 177 15.29 -0.99 -1.50
N ARG A 178 15.78 -1.66 -2.55
CA ARG A 178 15.02 -1.71 -3.79
C ARG A 178 13.82 -2.64 -3.69
N HIS A 179 13.88 -3.63 -2.81
CA HIS A 179 12.92 -4.72 -2.86
C HIS A 179 12.03 -4.87 -1.64
N VAL A 180 12.27 -4.10 -0.57
CA VAL A 180 11.58 -4.23 0.71
C VAL A 180 11.04 -2.87 1.14
N ARG A 181 9.89 -2.89 1.81
CA ARG A 181 9.32 -1.75 2.51
C ARG A 181 9.01 -2.16 3.95
N ARG A 182 8.81 -1.16 4.82
CA ARG A 182 8.43 -1.47 6.20
C ARG A 182 6.97 -1.87 6.26
N ALA A 183 6.69 -2.90 7.05
CA ALA A 183 5.30 -3.25 7.34
C ALA A 183 4.54 -2.05 7.89
N GLY A 184 3.30 -1.88 7.43
CA GLY A 184 2.49 -0.76 7.84
C GLY A 184 1.73 -0.99 9.14
N ARG A 185 1.25 0.12 9.72
CA ARG A 185 0.61 0.03 11.03
C ARG A 185 -0.65 -0.82 11.00
N ASN A 186 -1.22 -1.05 9.82
CA ASN A 186 -2.40 -1.89 9.67
C ASN A 186 -2.08 -3.35 9.35
N THR A 187 -0.81 -3.74 9.36
CA THR A 187 -0.45 -5.13 9.13
C THR A 187 0.26 -5.63 10.38
N VAL A 188 1.59 -5.74 10.36
CA VAL A 188 2.37 -6.02 11.56
C VAL A 188 2.81 -4.66 12.10
N ASP A 189 2.11 -4.18 13.12
CA ASP A 189 2.16 -2.78 13.53
C ASP A 189 3.52 -2.40 14.10
N PRO A 190 4.29 -1.52 13.45
CA PRO A 190 5.61 -1.16 14.00
C PRO A 190 5.52 -0.19 15.16
N THR A 191 4.35 0.38 15.46
CA THR A 191 4.28 1.27 16.61
C THR A 191 4.22 0.50 17.93
N ILE A 192 4.16 -0.83 17.87
CA ILE A 192 4.34 -1.70 19.03
C ILE A 192 5.60 -2.52 18.82
N ASN A 194 8.12 -5.20 18.49
CA ASN A 194 7.79 -6.60 18.26
C ASN A 194 8.98 -7.37 17.68
N TYR A 195 8.92 -8.71 17.77
CA TYR A 195 9.98 -9.58 17.29
C TYR A 195 9.77 -9.97 15.83
N GLN A 196 8.83 -9.35 15.14
CA GLN A 196 8.49 -9.78 13.77
C GLN A 196 9.34 -8.98 12.80
N TRP A 197 10.56 -9.46 12.52
CA TRP A 197 11.55 -8.71 11.77
C TRP A 197 11.65 -9.13 10.29
N GLY A 198 10.64 -9.80 9.78
CA GLY A 198 10.72 -10.31 8.41
C GLY A 198 11.21 -9.28 7.42
N ASP A 199 10.60 -8.09 7.44
CA ASP A 199 11.01 -7.04 6.51
C ASP A 199 12.35 -6.43 6.91
N LEU A 200 12.60 -6.32 8.23
CA LEU A 200 13.84 -5.74 8.71
C LEU A 200 15.03 -6.63 8.38
N THR A 201 14.89 -7.95 8.59
CA THR A 201 15.94 -8.88 8.19
C THR A 201 16.19 -8.84 6.69
N ALA A 202 15.11 -8.89 5.90
CA ALA A 202 15.28 -8.81 4.44
C ALA A 202 16.04 -7.56 4.04
N ALA A 203 15.73 -6.42 4.68
CA ALA A 203 16.43 -5.17 4.34
C ALA A 203 17.90 -5.23 4.73
N SER A 204 18.20 -5.80 5.91
CA SER A 204 19.59 -5.94 6.33
C SER A 204 20.39 -6.80 5.34
N PHE A 205 19.82 -7.91 4.87
CA PHE A 205 20.50 -8.70 3.85
C PHE A 205 20.71 -7.89 2.57
N GLU A 206 19.71 -7.11 2.15
CA GLU A 206 19.94 -6.29 0.97
C GLU A 206 21.06 -5.31 1.20
N ALA A 207 21.12 -4.69 2.38
CA ALA A 207 22.22 -3.79 2.68
C ALA A 207 23.57 -4.50 2.56
N LYS A 208 23.69 -5.69 3.16
CA LYS A 208 24.96 -6.41 3.09
C LYS A 208 25.27 -6.80 1.64
N ASP A 209 24.28 -7.27 0.89
CA ASP A 209 24.49 -7.55 -0.52
C ASP A 209 25.05 -6.35 -1.27
N ARG A 210 24.65 -5.14 -0.86
CA ARG A 210 25.06 -3.94 -1.57
C ARG A 210 26.28 -3.26 -0.93
N GLY A 211 26.90 -3.89 0.08
CA GLY A 211 28.09 -3.32 0.67
C GLY A 211 27.85 -2.22 1.68
N ALA A 212 26.62 -2.05 2.16
CA ALA A 212 26.30 -1.06 3.16
C ALA A 212 26.08 -1.74 4.51
N ARG A 213 26.21 -0.94 5.58
CA ARG A 213 26.01 -1.53 6.89
C ARG A 213 24.53 -1.73 7.20
N THR A 214 23.66 -0.82 6.78
CA THR A 214 22.26 -0.88 7.22
C THR A 214 21.34 -0.32 6.14
N ALA A 215 20.03 -0.36 6.45
CA ALA A 215 18.98 0.05 5.53
C ALA A 215 18.05 1.05 6.19
N ILE A 216 17.56 2.01 5.41
CA ILE A 216 16.46 2.88 5.81
C ILE A 216 15.25 2.50 4.96
N LEU A 217 14.19 1.99 5.60
CA LEU A 217 12.99 1.52 4.91
C LEU A 217 12.00 2.67 4.73
N LEU A 218 11.28 2.64 3.59
CA LEU A 218 10.15 3.51 3.34
C LEU A 218 8.87 2.75 3.68
N ASP A 219 7.78 3.49 3.91
CA ASP A 219 6.48 2.84 4.06
C ASP A 219 5.77 2.85 2.70
N SER A 220 4.49 2.48 2.68
CA SER A 220 3.88 2.22 1.38
C SER A 220 3.61 3.51 0.62
N ASP A 221 3.63 4.66 1.29
CA ASP A 221 3.46 5.94 0.61
C ASP A 221 4.79 6.61 0.30
N ASN A 222 5.90 5.86 0.37
CA ASN A 222 7.24 6.40 0.11
C ASN A 222 7.64 7.49 1.12
N CYS A 223 7.06 7.45 2.33
CA CYS A 223 7.55 8.24 3.46
C CYS A 223 8.55 7.37 4.24
N VAL A 224 9.51 8.02 4.89
CA VAL A 224 10.48 7.29 5.69
C VAL A 224 9.77 6.55 6.81
N ALA A 225 10.19 5.29 7.06
CA ALA A 225 9.63 4.51 8.15
C ALA A 225 10.66 4.47 9.26
N GLU A 226 11.57 3.51 9.24
CA GLU A 226 12.60 3.34 10.26
C GLU A 226 13.58 2.33 9.72
N GLY A 227 14.56 1.96 10.54
CA GLY A 227 15.54 0.99 10.12
C GLY A 227 15.39 -0.28 10.92
N PRO A 228 16.23 -1.28 10.64
CA PRO A 228 16.14 -2.54 11.40
C PRO A 228 16.64 -2.35 12.83
N GLY A 229 15.73 -2.01 13.75
CA GLY A 229 16.14 -1.82 15.14
C GLY A 229 16.45 -0.39 15.53
N PHE A 230 16.06 0.60 14.72
CA PHE A 230 16.35 1.98 15.09
C PHE A 230 15.40 2.94 14.39
N ASN A 231 15.17 4.09 15.04
CA ASN A 231 14.50 5.19 14.36
C ASN A 231 15.53 5.98 13.57
N VAL A 232 15.02 6.79 12.62
CA VAL A 232 15.83 7.64 11.76
C VAL A 232 15.46 9.08 12.04
N CYS A 233 16.45 9.93 12.22
CA CYS A 233 16.25 11.37 12.38
C CYS A 233 16.93 12.06 11.22
N ILE A 234 16.27 13.10 10.68
CA ILE A 234 16.68 13.78 9.46
C ILE A 234 16.91 15.26 9.79
N VAL A 235 18.08 15.78 9.44
CA VAL A 235 18.42 17.20 9.64
C VAL A 235 18.36 17.92 8.29
N LYS A 236 17.63 19.03 8.24
CA LYS A 236 17.62 19.85 7.03
C LYS A 236 17.48 21.31 7.46
N ASP A 237 18.42 22.14 7.02
CA ASP A 237 18.38 23.59 7.29
C ASP A 237 18.27 23.87 8.79
N GLY A 238 19.07 23.16 9.59
CA GLY A 238 19.07 23.41 11.01
C GLY A 238 17.86 22.92 11.77
N LYS A 239 16.97 22.16 11.14
CA LYS A 239 15.82 21.60 11.82
C LYS A 239 15.94 20.08 11.88
N LEU A 240 15.29 19.47 12.87
CA LEU A 240 15.33 18.04 13.06
C LEU A 240 13.92 17.49 12.85
N ALA A 241 13.80 16.40 12.08
CA ALA A 241 12.53 15.72 11.92
C ALA A 241 12.70 14.21 12.04
N SER A 242 11.61 13.52 12.42
CA SER A 242 11.63 12.05 12.49
C SER A 242 10.24 11.52 12.20
N PRO A 243 10.12 10.40 11.46
CA PRO A 243 8.79 9.89 11.07
C PRO A 243 7.84 9.72 12.23
N SER A 244 6.58 10.07 11.99
CA SER A 244 5.54 9.97 12.99
C SER A 244 4.69 8.72 12.88
N ARG A 245 4.55 8.13 11.68
CA ARG A 245 3.59 7.05 11.48
C ARG A 245 4.19 5.65 11.63
N ASN A 246 4.90 5.15 10.62
CA ASN A 246 5.29 3.74 10.60
C ASN A 246 6.68 3.55 11.22
N ALA A 247 6.76 3.84 12.52
CA ALA A 247 8.02 3.81 13.25
C ALA A 247 7.70 3.61 14.72
N LEU A 248 8.58 2.89 15.41
CA LEU A 248 8.45 2.79 16.86
C LEU A 248 8.58 4.17 17.49
N PRO A 249 7.71 4.53 18.43
CA PRO A 249 7.97 5.72 19.26
C PRO A 249 9.12 5.46 20.23
N GLY A 250 10.33 5.71 19.73
CA GLY A 250 11.52 5.31 20.44
C GLY A 250 11.83 6.20 21.63
N ILE A 251 12.45 5.58 22.64
CA ILE A 251 12.89 6.35 23.79
C ILE A 251 14.17 7.12 23.48
N THR A 252 15.08 6.56 22.67
CA THR A 252 16.24 7.34 22.25
C THR A 252 15.80 8.56 21.44
N ARG A 253 14.86 8.35 20.52
CA ARG A 253 14.31 9.48 19.76
C ARG A 253 13.72 10.52 20.70
N LYS A 254 12.93 10.08 21.69
CA LYS A 254 12.40 11.02 22.66
C LYS A 254 13.52 11.79 23.35
N THR A 255 14.60 11.09 23.73
CA THR A 255 15.73 11.76 24.36
C THR A 255 16.38 12.75 23.40
N VAL A 256 16.58 12.34 22.15
CA VAL A 256 17.17 13.21 21.15
C VAL A 256 16.32 14.46 20.96
N PHE A 257 14.99 14.30 21.01
CA PHE A 257 14.12 15.47 20.86
C PHE A 257 14.21 16.40 22.06
N GLU A 258 14.40 15.84 23.25
CA GLU A 258 14.59 16.67 24.44
C GLU A 258 15.91 17.42 24.36
N ILE A 259 16.97 16.73 23.93
CA ILE A 259 18.27 17.36 23.74
C ILE A 259 18.16 18.49 22.73
N ALA A 260 17.51 18.22 21.59
CA ALA A 260 17.37 19.25 20.56
C ALA A 260 16.65 20.47 21.11
N ASP A 261 15.53 20.25 21.82
CA ASP A 261 14.78 21.38 22.37
C ASP A 261 15.64 22.24 23.28
N GLN A 262 16.47 21.60 24.12
CA GLN A 262 17.34 22.35 25.01
C GLN A 262 18.41 23.12 24.25
N MET A 263 18.85 22.61 23.11
CA MET A 263 19.81 23.34 22.30
C MET A 263 19.17 24.44 21.47
N GLY A 264 17.86 24.61 21.57
CA GLY A 264 17.15 25.59 20.75
C GLY A 264 16.87 25.15 19.33
N ILE A 265 16.91 23.86 19.05
CA ILE A 265 16.67 23.29 17.73
C ILE A 265 15.22 22.84 17.66
N GLU A 266 14.53 23.25 16.59
CA GLU A 266 13.17 22.81 16.34
C GLU A 266 13.17 21.35 15.86
N ALA A 267 12.46 20.48 16.58
CA ALA A 267 12.37 19.06 16.26
C ALA A 267 10.89 18.67 16.15
N THR A 268 10.54 17.96 15.08
CA THR A 268 9.15 17.68 14.77
C THR A 268 8.98 16.22 14.39
N LEU A 269 7.94 15.59 14.93
CA LEU A 269 7.52 14.27 14.48
C LEU A 269 6.51 14.49 13.36
N ARG A 270 6.84 14.04 12.15
CA ARG A 270 5.99 14.30 11.00
C ARG A 270 6.33 13.29 9.92
N ASP A 271 5.53 13.30 8.85
CA ASP A 271 5.90 12.53 7.68
C ASP A 271 7.13 13.15 7.05
N VAL A 272 8.10 12.31 6.72
CA VAL A 272 9.31 12.72 6.00
C VAL A 272 9.28 11.98 4.68
N THR A 273 9.26 12.72 3.59
CA THR A 273 9.12 12.03 2.32
C THR A 273 10.45 11.47 1.83
N SER A 274 10.37 10.60 0.82
CA SER A 274 11.59 10.08 0.24
C SER A 274 12.43 11.20 -0.38
N HIS A 275 11.79 12.23 -0.93
CA HIS A 275 12.55 13.40 -1.40
C HIS A 275 13.40 13.97 -0.28
N GLU A 276 12.79 14.17 0.89
CA GLU A 276 13.49 14.78 2.00
C GLU A 276 14.62 13.88 2.51
N LEU A 277 14.41 12.56 2.49
CA LEU A 277 15.48 11.67 2.94
C LEU A 277 16.71 11.80 2.05
N TYR A 278 16.52 11.86 0.74
CA TYR A 278 17.66 11.93 -0.16
C TYR A 278 18.29 13.33 -0.16
N ASP A 279 17.56 14.35 0.26
CA ASP A 279 18.05 15.73 0.28
C ASP A 279 18.55 16.15 1.66
N ALA A 280 18.78 15.22 2.58
CA ALA A 280 19.09 15.57 3.97
C ALA A 280 20.44 16.27 4.10
N ASP A 281 20.54 17.20 5.05
CA ASP A 281 21.85 17.71 5.45
C ASP A 281 22.58 16.69 6.33
N GLU A 282 21.85 16.00 7.21
CA GLU A 282 22.41 14.96 8.05
C GLU A 282 21.34 13.88 8.24
N LEU A 283 21.82 12.64 8.50
CA LEU A 283 20.98 11.50 8.83
C LEU A 283 21.59 10.79 10.03
N MET A 284 20.74 10.29 10.92
CA MET A 284 21.26 9.56 12.06
C MET A 284 20.28 8.45 12.39
N ALA A 285 20.82 7.37 12.97
CA ALA A 285 20.06 6.27 13.53
C ALA A 285 20.08 6.39 15.05
N VAL A 286 18.93 6.14 15.70
CA VAL A 286 18.84 6.29 17.15
C VAL A 286 18.12 5.09 17.72
N THR A 287 18.72 4.49 18.73
CA THR A 287 18.14 3.32 19.36
C THR A 287 18.88 3.08 20.66
N THR A 288 18.23 2.35 21.56
CA THR A 288 18.75 2.13 22.91
C THR A 288 20.12 1.46 22.87
N ALA A 289 20.26 0.43 22.02
CA ALA A 289 21.49 -0.36 21.99
C ALA A 289 22.53 0.36 21.15
N GLY A 290 23.14 1.38 21.75
CA GLY A 290 24.26 2.08 21.14
C GLY A 290 24.07 3.57 20.92
N GLY A 291 22.87 4.09 21.06
CA GLY A 291 22.66 5.55 21.12
C GLY A 291 22.42 6.16 19.74
N VAL A 292 23.24 7.14 19.38
CA VAL A 292 23.05 8.02 18.22
C VAL A 292 24.18 7.74 17.24
N THR A 293 23.83 7.20 16.08
CA THR A 293 24.83 6.79 15.08
C THR A 293 24.77 7.68 13.87
N PRO A 294 25.87 8.36 13.51
CA PRO A 294 25.88 9.13 12.26
C PRO A 294 25.79 8.22 11.05
N ILE A 295 25.07 8.67 10.03
CA ILE A 295 24.98 7.95 8.76
C ILE A 295 25.66 8.80 7.70
N ASN A 296 26.85 8.36 7.27
CA ASN A 296 27.71 9.16 6.41
C ASN A 296 27.24 9.18 4.96
N SER A 297 26.59 8.13 4.51
CA SER A 297 26.25 8.04 3.10
C SER A 297 24.94 7.27 2.95
N LEU A 298 24.23 7.56 1.85
CA LEU A 298 22.97 6.91 1.53
C LEU A 298 23.06 6.46 0.07
N ASP A 299 22.83 5.18 -0.17
CA ASP A 299 22.89 4.64 -1.53
C ASP A 299 24.23 4.93 -2.19
N GLY A 300 25.29 4.95 -1.37
CA GLY A 300 26.63 5.20 -1.87
C GLY A 300 26.96 6.69 -1.90
N GLU A 301 26.34 7.45 -1.01
CA GLU A 301 26.57 8.89 -0.93
C GLU A 301 27.16 9.27 0.43
N ALA A 302 27.82 10.41 0.46
CA ALA A 302 28.28 10.98 1.72
C ALA A 302 27.41 12.17 2.08
N ILE A 303 26.27 11.90 2.72
CA ILE A 303 25.35 12.94 3.14
C ILE A 303 26.16 14.09 3.70
N GLY A 304 26.11 15.24 3.04
CA GLY A 304 27.01 16.33 3.40
C GLY A 304 28.39 16.03 2.84
N ASN A 305 29.42 16.14 3.69
CA ASN A 305 30.78 15.77 3.28
C ASN A 305 31.10 14.30 3.56
N GLY A 306 30.10 13.49 3.87
CA GLY A 306 30.36 12.08 4.06
C GLY A 306 30.95 11.71 5.40
N ALA A 307 30.92 12.60 6.37
CA ALA A 307 31.38 12.38 7.74
C ALA A 307 30.29 12.84 8.68
N PRO A 308 30.38 12.50 9.98
CA PRO A 308 29.30 12.89 10.90
C PRO A 308 28.99 14.38 10.89
N GLY A 309 27.71 14.71 10.83
CA GLY A 309 27.26 16.08 10.73
C GLY A 309 27.33 16.79 12.06
N PRO A 310 27.37 18.13 12.02
CA PRO A 310 27.54 18.88 13.28
C PRO A 310 26.42 18.67 14.29
N MET A 311 25.16 18.73 13.86
CA MET A 311 24.07 18.50 14.81
C MET A 311 24.12 17.09 15.39
N THR A 312 24.41 16.09 14.55
CA THR A 312 24.46 14.71 15.04
C THR A 312 25.51 14.57 16.13
N VAL A 313 26.69 15.16 15.90
CA VAL A 313 27.78 15.10 16.88
C VAL A 313 27.36 15.76 18.19
N ALA A 314 26.76 16.95 18.09
CA ALA A 314 26.34 17.64 19.33
C ALA A 314 25.33 16.82 20.10
N ILE A 315 24.34 16.25 19.41
CA ILE A 315 23.31 15.48 20.10
C ILE A 315 23.89 14.19 20.68
N ARG A 316 24.71 13.48 19.90
CA ARG A 316 25.28 12.20 20.37
C ARG A 316 26.15 12.39 21.61
N ASP A 317 27.04 13.39 21.57
CA ASP A 317 27.92 13.62 22.71
C ASP A 317 27.13 14.01 23.95
N ARG A 318 26.09 14.82 23.75
CA ARG A 318 25.21 15.18 24.86
C ARG A 318 24.48 13.95 25.41
N PHE A 319 24.06 13.05 24.51
CA PHE A 319 23.34 11.86 24.93
C PHE A 319 24.18 11.03 25.89
N TRP A 320 25.47 10.88 25.59
CA TRP A 320 26.31 10.03 26.44
C TRP A 320 26.63 10.71 27.76
N ALA A 321 26.67 12.05 27.78
CA ALA A 321 26.87 12.78 29.03
C ALA A 321 25.71 12.57 29.99
N LEU A 322 24.49 12.41 29.47
CA LEU A 322 23.34 12.16 30.35
C LEU A 322 23.50 10.90 31.18
N MET A 323 24.32 9.95 30.71
CA MET A 323 24.44 8.66 31.37
C MET A 323 25.13 8.79 32.74
N ASP A 324 25.86 9.89 32.97
CA ASP A 324 26.62 10.10 34.19
C ASP A 324 26.08 11.24 35.06
N GLU A 325 25.10 12.01 34.57
CA GLU A 325 24.56 13.13 35.32
C GLU A 325 23.42 12.68 36.21
N PRO A 326 23.51 12.84 37.53
CA PRO A 326 22.36 12.53 38.37
C PRO A 326 21.16 13.36 37.91
N GLY A 327 19.98 12.74 37.96
CA GLY A 327 18.77 13.38 37.49
C GLY A 327 17.69 12.35 37.22
N PRO A 328 16.53 12.83 36.75
CA PRO A 328 15.37 11.93 36.63
C PRO A 328 15.51 10.86 35.56
N LEU A 329 16.47 10.97 34.65
CA LEU A 329 16.54 10.00 33.53
C LEU A 329 17.32 8.73 33.92
N ILE A 330 18.15 8.78 34.96
CA ILE A 330 19.01 7.59 35.28
C ILE A 330 18.86 7.15 36.75
N GLU A 331 18.83 5.84 36.99
CA GLU A 331 18.83 5.31 38.38
C GLU A 331 20.03 4.36 38.53
N ALA A 332 20.83 4.53 39.59
CA ALA A 332 21.98 3.63 39.81
C ALA A 332 21.51 2.24 40.21
N ILE A 333 22.11 1.20 39.63
CA ILE A 333 21.82 -0.19 40.09
C ILE A 333 22.51 -0.40 41.45
N GLU A 334 21.87 -1.10 42.39
CA GLU A 334 22.45 -1.27 43.75
C GLU A 334 23.77 -2.07 43.75
N TYR A 335 23.88 -3.15 42.97
CA TYR A 335 25.11 -4.00 42.98
C TYR A 335 25.59 -4.26 44.43
N THR B 3 -27.85 2.79 -14.56
CA THR B 3 -27.71 4.24 -14.47
C THR B 3 -26.24 4.67 -14.33
N GLY B 4 -25.87 5.71 -15.08
CA GLY B 4 -24.51 6.20 -15.06
C GLY B 4 -24.36 7.56 -14.40
N THR B 5 -25.09 7.77 -13.31
CA THR B 5 -24.92 8.94 -12.45
C THR B 5 -24.49 8.48 -11.06
N SER B 6 -23.43 9.11 -10.54
CA SER B 6 -23.00 8.89 -9.16
C SER B 6 -23.82 9.80 -8.23
N ASN B 7 -23.44 9.82 -6.95
CA ASN B 7 -24.03 10.75 -5.99
C ASN B 7 -23.33 12.09 -5.98
N LEU B 8 -22.38 12.31 -6.88
CA LEU B 8 -21.60 13.53 -6.93
C LEU B 8 -22.38 14.64 -7.63
N VAL B 9 -22.26 15.87 -7.12
CA VAL B 9 -22.88 17.00 -7.79
C VAL B 9 -22.19 17.22 -9.12
N ALA B 10 -22.99 17.42 -10.18
CA ALA B 10 -22.42 17.78 -11.48
C ALA B 10 -21.88 19.21 -11.42
N VAL B 11 -20.62 19.39 -11.81
CA VAL B 11 -19.99 20.71 -11.79
C VAL B 11 -20.29 21.36 -13.15
N GLU B 12 -21.39 22.08 -13.21
CA GLU B 12 -21.85 22.75 -14.43
C GLU B 12 -22.78 23.88 -14.02
N PRO B 13 -23.09 24.81 -14.93
CA PRO B 13 -24.01 25.90 -14.56
C PRO B 13 -25.38 25.37 -14.13
N GLY B 14 -25.89 25.95 -13.06
CA GLY B 14 -27.11 25.47 -12.44
C GLY B 14 -28.01 26.61 -12.00
N ALA B 15 -29.05 26.30 -11.25
CA ALA B 15 -29.99 27.34 -10.82
C ALA B 15 -29.30 28.36 -9.92
N ILE B 16 -29.75 29.60 -10.04
CA ILE B 16 -29.15 30.70 -9.27
C ILE B 16 -29.52 30.59 -7.80
N ARG B 17 -30.65 29.97 -7.49
CA ARG B 17 -31.10 29.79 -6.12
C ARG B 17 -31.66 28.39 -5.94
N GLU B 18 -31.53 27.90 -4.72
CA GLU B 18 -32.02 26.60 -4.33
C GLU B 18 -32.69 26.78 -2.97
N ASP B 19 -33.69 25.94 -2.69
CA ASP B 19 -34.35 26.02 -1.40
C ASP B 19 -33.36 25.67 -0.28
N THR B 20 -33.39 26.47 0.79
CA THR B 20 -32.61 26.18 1.97
C THR B 20 -33.54 26.15 3.16
N PRO B 21 -33.20 25.40 4.21
CA PRO B 21 -34.14 25.25 5.35
C PRO B 21 -34.46 26.59 5.98
N PRO B 22 -35.75 26.88 6.19
CA PRO B 22 -36.13 28.19 6.73
C PRO B 22 -35.58 28.42 8.13
N GLY B 23 -35.13 29.64 8.37
CA GLY B 23 -34.56 29.97 9.67
C GLY B 23 -33.17 29.44 9.91
N SER B 24 -32.63 28.64 9.00
CA SER B 24 -31.29 28.09 9.13
C SER B 24 -30.23 29.16 8.83
N VAL B 25 -28.98 28.84 9.13
CA VAL B 25 -27.90 29.80 8.92
C VAL B 25 -27.57 30.01 7.44
N ILE B 26 -28.16 29.23 6.54
CA ILE B 26 -27.84 29.29 5.11
C ILE B 26 -29.00 29.97 4.38
N GLN B 27 -28.76 31.18 3.86
CA GLN B 27 -29.81 31.87 3.10
C GLN B 27 -29.19 32.54 1.89
N TYR B 28 -29.78 32.31 0.72
CA TYR B 28 -29.34 32.95 -0.51
C TYR B 28 -29.72 34.43 -0.49
N SER B 29 -29.01 35.22 -1.28
CA SER B 29 -29.37 36.62 -1.45
C SER B 29 -30.66 36.76 -2.27
N ASP B 30 -31.45 37.78 -1.97
CA ASP B 30 -32.61 38.13 -2.77
C ASP B 30 -32.21 39.22 -3.79
N TYR B 31 -32.26 38.85 -5.06
CA TYR B 31 -31.92 39.75 -6.15
C TYR B 31 -32.22 39.08 -7.49
N GLU B 32 -32.41 39.88 -8.53
CA GLU B 32 -32.75 39.34 -9.85
C GLU B 32 -31.66 39.64 -10.88
N LEU B 33 -31.35 38.65 -11.70
CA LEU B 33 -30.35 38.81 -12.77
C LEU B 33 -30.84 39.79 -13.86
N ASP B 34 -29.92 40.58 -14.43
CA ASP B 34 -30.23 41.43 -15.59
C ASP B 34 -29.76 40.67 -16.83
N HIS B 35 -30.69 39.99 -17.49
CA HIS B 35 -30.33 39.09 -18.58
C HIS B 35 -30.07 39.80 -19.90
N SER B 36 -30.13 41.12 -19.93
CA SER B 36 -29.65 41.86 -21.10
C SER B 36 -28.15 41.62 -21.29
N SER B 37 -27.43 41.37 -20.21
CA SER B 37 -26.03 40.93 -20.35
C SER B 37 -26.00 39.44 -20.64
N PRO B 38 -25.26 39.00 -21.67
CA PRO B 38 -25.14 37.55 -21.91
C PRO B 38 -24.33 36.87 -20.83
N PHE B 39 -23.56 37.64 -20.06
CA PHE B 39 -22.75 37.14 -18.96
C PHE B 39 -23.57 36.85 -17.70
N ALA B 40 -24.79 37.35 -17.63
CA ALA B 40 -25.60 37.17 -16.42
C ALA B 40 -25.81 35.69 -16.16
N GLY B 41 -25.43 35.24 -14.96
CA GLY B 41 -25.66 33.87 -14.57
C GLY B 41 -24.47 32.95 -14.70
N GLY B 42 -23.37 33.41 -15.31
CA GLY B 42 -22.20 32.57 -15.46
C GLY B 42 -21.18 33.12 -16.44
N VAL B 43 -19.93 33.24 -16.01
CA VAL B 43 -18.85 33.79 -16.81
C VAL B 43 -17.69 32.81 -16.78
N ALA B 44 -17.07 32.56 -17.94
CA ALA B 44 -15.82 31.82 -18.03
C ALA B 44 -14.77 32.69 -18.70
N TRP B 45 -13.52 32.49 -18.32
CA TRP B 45 -12.40 33.22 -18.88
C TRP B 45 -11.42 32.20 -19.45
N ILE B 46 -11.41 32.07 -20.78
CA ILE B 46 -10.67 31.02 -21.48
C ILE B 46 -9.81 31.69 -22.53
N GLU B 47 -8.50 31.45 -22.47
CA GLU B 47 -7.54 31.99 -23.44
C GLU B 47 -7.66 33.50 -23.58
N GLY B 48 -7.89 34.19 -22.47
CA GLY B 48 -8.02 35.63 -22.47
C GLY B 48 -9.41 36.08 -22.90
N GLU B 49 -10.27 35.24 -23.37
CA GLU B 49 -11.54 35.81 -23.64
C GLU B 49 -12.39 35.57 -22.39
N PHE B 50 -13.01 36.62 -21.85
CA PHE B 50 -14.19 36.50 -21.02
C PHE B 50 -15.33 36.06 -21.86
N LEU B 51 -16.06 35.05 -21.44
CA LEU B 51 -17.26 34.62 -22.10
C LEU B 51 -18.42 34.08 -21.25
N PRO B 52 -19.60 33.99 -21.84
CA PRO B 52 -20.73 33.40 -21.15
C PRO B 52 -20.38 31.99 -20.83
N ALA B 53 -20.93 31.43 -19.77
CA ALA B 53 -20.52 30.11 -19.37
C ALA B 53 -20.95 29.03 -20.29
N GLU B 54 -22.14 29.11 -20.84
CA GLU B 54 -22.58 28.07 -21.75
C GLU B 54 -21.67 27.93 -22.96
N ASP B 55 -20.92 28.98 -23.30
CA ASP B 55 -20.00 28.97 -24.44
C ASP B 55 -18.61 28.45 -24.09
N ALA B 56 -18.34 28.18 -22.82
CA ALA B 56 -16.98 27.87 -22.38
C ALA B 56 -16.53 26.53 -22.93
N LYS B 57 -15.42 26.53 -23.68
CA LYS B 57 -14.91 25.33 -24.29
C LYS B 57 -13.39 25.40 -24.30
N ILE B 58 -12.73 24.23 -24.21
CA ILE B 58 -11.28 24.14 -24.20
C ILE B 58 -10.84 23.21 -25.32
N SER B 59 -9.60 23.39 -25.79
CA SER B 59 -9.06 22.49 -26.79
C SER B 59 -9.06 21.05 -26.30
N ILE B 60 -9.56 20.12 -27.13
CA ILE B 60 -9.53 18.71 -26.76
C ILE B 60 -8.10 18.22 -26.59
N PHE B 61 -7.11 18.94 -27.13
CA PHE B 61 -5.71 18.57 -27.07
C PHE B 61 -4.97 19.17 -25.88
N ASP B 62 -5.65 19.87 -24.98
CA ASP B 62 -5.00 20.34 -23.77
C ASP B 62 -4.56 19.12 -22.97
N THR B 63 -3.29 19.09 -22.58
CA THR B 63 -2.76 18.00 -21.76
C THR B 63 -3.40 17.98 -20.37
N GLY B 64 -4.00 19.10 -19.95
CA GLY B 64 -4.87 19.08 -18.80
C GLY B 64 -6.05 18.14 -18.98
N PHE B 65 -6.41 17.84 -20.21
CA PHE B 65 -7.44 16.82 -20.48
C PHE B 65 -6.77 15.45 -20.60
N GLY B 66 -5.95 15.27 -21.65
CA GLY B 66 -5.47 13.92 -21.97
C GLY B 66 -4.60 13.30 -20.89
N HIS B 67 -3.96 14.11 -20.06
CA HIS B 67 -3.18 13.56 -18.94
C HIS B 67 -3.68 14.08 -17.60
N SER B 68 -4.78 14.84 -17.58
CA SER B 68 -5.24 15.50 -16.37
C SER B 68 -4.07 16.20 -15.68
N ASP B 69 -3.22 16.84 -16.49
CA ASP B 69 -1.97 17.41 -16.00
C ASP B 69 -2.26 18.87 -15.61
N LEU B 70 -2.71 19.06 -14.37
CA LEU B 70 -3.23 20.35 -13.93
C LEU B 70 -3.36 20.36 -12.41
N THR B 71 -3.58 21.55 -11.86
CA THR B 71 -4.15 21.70 -10.52
C THR B 71 -5.20 22.81 -10.59
N TYR B 72 -5.98 22.95 -9.54
CA TYR B 72 -7.09 23.89 -9.56
C TYR B 72 -7.46 24.24 -8.13
N THR B 73 -8.30 25.27 -7.99
CA THR B 73 -8.89 25.55 -6.70
C THR B 73 -10.30 26.11 -6.92
N VAL B 74 -11.09 26.08 -5.85
CA VAL B 74 -12.46 26.57 -5.89
C VAL B 74 -12.66 27.49 -4.71
N ALA B 75 -13.05 28.73 -4.98
CA ALA B 75 -13.47 29.65 -3.94
C ALA B 75 -14.97 29.85 -4.08
N HIS B 76 -15.63 30.19 -2.98
CA HIS B 76 -17.06 30.44 -3.09
C HIS B 76 -17.31 31.91 -2.83
N VAL B 77 -18.41 32.42 -3.40
CA VAL B 77 -18.91 33.76 -3.12
C VAL B 77 -20.24 33.58 -2.39
N TRP B 78 -20.42 34.31 -1.29
CA TRP B 78 -21.66 34.23 -0.53
C TRP B 78 -22.09 35.64 -0.12
N HIS B 79 -23.33 35.98 -0.37
CA HIS B 79 -23.86 37.31 -0.06
C HIS B 79 -22.98 38.39 -0.70
N GLY B 80 -22.50 38.12 -1.91
CA GLY B 80 -21.61 39.02 -2.61
C GLY B 80 -20.20 39.10 -2.07
N ASN B 81 -19.82 38.25 -1.13
CA ASN B 81 -18.49 38.28 -0.54
C ASN B 81 -17.73 37.02 -0.97
N ILE B 82 -16.53 37.21 -1.52
CA ILE B 82 -15.63 36.12 -1.86
C ILE B 82 -14.80 35.75 -0.63
N PHE B 83 -14.64 34.45 -0.39
CA PHE B 83 -14.09 33.95 0.87
C PHE B 83 -12.67 33.46 0.65
N ARG B 84 -11.73 34.09 1.36
CA ARG B 84 -10.32 33.64 1.46
C ARG B 84 -9.67 33.50 0.08
N LEU B 85 -9.93 34.46 -0.82
CA LEU B 85 -9.41 34.35 -2.18
C LEU B 85 -7.88 34.31 -2.18
N GLY B 86 -7.25 35.08 -1.30
CA GLY B 86 -5.79 35.08 -1.24
C GLY B 86 -5.20 33.74 -0.82
N ASP B 87 -5.83 33.05 0.15
CA ASP B 87 -5.36 31.72 0.54
C ASP B 87 -5.51 30.73 -0.60
N HIS B 88 -6.61 30.85 -1.35
CA HIS B 88 -6.86 29.99 -2.50
C HIS B 88 -5.83 30.22 -3.60
N LEU B 89 -5.48 31.48 -3.85
CA LEU B 89 -4.46 31.77 -4.85
C LEU B 89 -3.09 31.30 -4.40
N ASP B 90 -2.76 31.48 -3.11
CA ASP B 90 -1.51 30.93 -2.58
C ASP B 90 -1.44 29.42 -2.79
N ARG B 91 -2.51 28.70 -2.45
CA ARG B 91 -2.51 27.25 -2.62
C ARG B 91 -2.39 26.87 -4.08
N LEU B 92 -3.18 27.51 -4.94
CA LEU B 92 -3.17 27.20 -6.36
C LEU B 92 -1.78 27.36 -6.94
N LEU B 93 -1.13 28.48 -6.61
CA LEU B 93 0.19 28.76 -7.16
C LEU B 93 1.25 27.86 -6.56
N ASP B 94 1.11 27.49 -5.29
CA ASP B 94 2.05 26.57 -4.69
C ASP B 94 1.98 25.18 -5.35
N GLY B 95 0.77 24.67 -5.56
CA GLY B 95 0.63 23.39 -6.25
C GLY B 95 1.13 23.41 -7.68
N ALA B 96 0.84 24.48 -8.42
CA ALA B 96 1.32 24.59 -9.79
C ALA B 96 2.85 24.59 -9.83
N ARG B 97 3.47 25.26 -8.87
CA ARG B 97 4.93 25.22 -8.75
C ARG B 97 5.40 23.78 -8.55
N LYS B 98 4.72 23.03 -7.67
CA LYS B 98 5.12 21.64 -7.45
C LYS B 98 4.93 20.79 -8.70
N LEU B 99 4.01 21.18 -9.58
CA LEU B 99 3.81 20.47 -10.84
C LEU B 99 4.64 21.05 -11.98
N ARG B 100 5.50 22.04 -11.68
CA ARG B 100 6.31 22.69 -12.70
C ARG B 100 5.42 23.39 -13.74
N LEU B 101 4.31 23.93 -13.27
CA LEU B 101 3.36 24.65 -14.10
C LEU B 101 3.56 26.15 -13.87
N ASP B 102 3.49 26.92 -14.95
CA ASP B 102 3.66 28.38 -14.84
C ASP B 102 2.36 29.03 -15.31
N ALA B 103 1.63 29.63 -14.38
CA ALA B 103 0.35 30.26 -14.71
C ALA B 103 0.52 31.42 -15.70
N GLY B 104 1.70 32.06 -15.71
CA GLY B 104 1.92 33.23 -16.52
C GLY B 104 1.31 34.50 -15.98
N TYR B 105 0.58 34.43 -14.87
CA TYR B 105 -0.05 35.59 -14.26
C TYR B 105 0.37 35.64 -12.80
N THR B 106 0.48 36.85 -12.25
CA THR B 106 0.79 36.97 -10.84
C THR B 106 -0.48 36.71 -10.02
N LYS B 107 -0.29 36.58 -8.70
CA LYS B 107 -1.43 36.37 -7.80
C LYS B 107 -2.43 37.52 -7.91
N ASP B 108 -1.94 38.76 -7.94
CA ASP B 108 -2.83 39.91 -8.03
C ASP B 108 -3.58 39.96 -9.35
N GLU B 109 -2.90 39.63 -10.46
CA GLU B 109 -3.58 39.59 -11.75
C GLU B 109 -4.67 38.54 -11.75
N LEU B 110 -4.40 37.37 -11.17
CA LEU B 110 -5.41 36.33 -11.10
C LEU B 110 -6.58 36.76 -10.21
N ALA B 111 -6.28 37.44 -9.10
CA ALA B 111 -7.32 37.93 -8.21
C ALA B 111 -8.25 38.90 -8.93
N ASP B 112 -7.67 39.85 -9.69
CA ASP B 112 -8.48 40.83 -10.42
C ASP B 112 -9.38 40.15 -11.43
N ILE B 113 -8.81 39.25 -12.24
CA ILE B 113 -9.60 38.53 -13.24
C ILE B 113 -10.70 37.71 -12.58
N THR B 114 -10.40 37.07 -11.44
CA THR B 114 -11.39 36.24 -10.76
C THR B 114 -12.56 37.06 -10.25
N LYS B 115 -12.27 38.16 -9.54
CA LYS B 115 -13.35 39.01 -9.04
C LYS B 115 -14.12 39.63 -10.20
N GLN B 116 -13.45 39.95 -11.30
CA GLN B 116 -14.14 40.45 -12.48
C GLN B 116 -15.11 39.42 -13.04
N CYS B 117 -14.72 38.14 -13.07
CA CYS B 117 -15.65 37.11 -13.54
C CYS B 117 -16.91 37.09 -12.67
N VAL B 118 -16.74 37.19 -11.35
CA VAL B 118 -17.90 37.16 -10.46
C VAL B 118 -18.80 38.36 -10.72
N SER B 119 -18.20 39.56 -10.77
CA SER B 119 -18.95 40.79 -11.01
C SER B 119 -19.78 40.69 -12.28
N MET B 120 -19.13 40.37 -13.40
CA MET B 120 -19.83 40.24 -14.67
C MET B 120 -20.94 39.20 -14.62
N SER B 121 -20.76 38.14 -13.84
CA SER B 121 -21.79 37.10 -13.73
C SER B 121 -23.04 37.59 -13.01
N GLN B 122 -22.91 38.62 -12.18
CA GLN B 122 -23.94 39.19 -11.31
C GLN B 122 -24.31 38.30 -10.14
N LEU B 123 -23.60 37.19 -9.94
CA LEU B 123 -23.98 36.20 -8.93
C LEU B 123 -23.49 36.64 -7.56
N ARG B 124 -24.40 36.68 -6.59
CA ARG B 124 -24.06 36.97 -5.22
C ARG B 124 -23.64 35.71 -4.46
N GLU B 125 -24.09 34.55 -4.96
CA GLU B 125 -23.68 33.24 -4.49
C GLU B 125 -23.09 32.53 -5.71
N SER B 126 -21.82 32.13 -5.63
CA SER B 126 -21.13 31.60 -6.79
C SER B 126 -20.12 30.54 -6.38
N PHE B 127 -19.94 29.57 -7.28
CA PHE B 127 -18.88 28.58 -7.28
C PHE B 127 -17.85 29.05 -8.31
N VAL B 128 -16.63 29.31 -7.86
CA VAL B 128 -15.59 29.99 -8.63
C VAL B 128 -14.37 29.09 -8.70
N ASN B 129 -13.98 28.71 -9.90
CA ASN B 129 -12.91 27.75 -10.15
C ASN B 129 -11.79 28.46 -10.91
N LEU B 130 -10.55 28.24 -10.49
CA LEU B 130 -9.36 28.58 -11.28
C LEU B 130 -8.61 27.30 -11.57
N THR B 131 -8.37 27.01 -12.86
CA THR B 131 -7.63 25.82 -13.25
C THR B 131 -6.37 26.22 -14.02
N VAL B 132 -5.23 25.59 -13.68
CA VAL B 132 -3.97 25.81 -14.40
C VAL B 132 -3.53 24.47 -15.00
N THR B 133 -3.45 24.40 -16.33
CA THR B 133 -3.10 23.16 -17.00
C THR B 133 -1.75 23.26 -17.71
N ARG B 134 -1.21 22.09 -18.07
CA ARG B 134 -0.01 22.01 -18.89
C ARG B 134 -0.24 22.56 -20.30
N GLY B 135 -1.47 22.56 -20.78
CA GLY B 135 -1.76 23.25 -22.03
C GLY B 135 -1.45 22.43 -23.27
N TYR B 136 -1.15 23.13 -24.36
CA TYR B 136 -0.88 22.49 -25.64
C TYR B 136 0.10 23.36 -26.43
N GLY B 137 0.61 22.80 -27.53
CA GLY B 137 1.59 23.50 -28.36
C GLY B 137 1.23 24.89 -28.83
N LEU B 148 4.86 24.33 -26.08
CA LEU B 148 3.93 24.02 -25.00
C LEU B 148 3.65 25.25 -24.15
N THR B 149 2.42 25.75 -24.24
CA THR B 149 2.01 26.92 -23.47
C THR B 149 0.98 26.57 -22.41
N HIS B 150 1.34 26.76 -21.15
CA HIS B 150 0.45 26.44 -20.03
C HIS B 150 -0.78 27.35 -20.07
N GLN B 151 -1.93 26.78 -19.71
CA GLN B 151 -3.22 27.47 -19.88
C GLN B 151 -3.85 27.70 -18.52
N VAL B 152 -4.51 28.85 -18.36
CA VAL B 152 -5.28 29.17 -17.17
C VAL B 152 -6.74 29.34 -17.57
N TYR B 153 -7.63 28.65 -16.88
CA TYR B 153 -9.07 28.75 -17.11
C TYR B 153 -9.73 29.17 -15.80
N ILE B 154 -10.65 30.15 -15.88
CA ILE B 154 -11.38 30.59 -14.69
C ILE B 154 -12.85 30.67 -15.06
N TYR B 155 -13.72 30.25 -14.13
CA TYR B 155 -15.14 30.48 -14.36
C TYR B 155 -15.84 30.72 -13.04
N ALA B 156 -16.95 31.46 -13.12
CA ALA B 156 -17.81 31.74 -11.98
C ALA B 156 -19.22 31.38 -12.40
N ILE B 157 -19.81 30.40 -11.72
CA ILE B 157 -21.10 29.86 -12.12
C ILE B 157 -21.97 29.84 -10.86
N PRO B 158 -23.28 29.54 -10.97
CA PRO B 158 -24.13 29.54 -9.77
C PRO B 158 -23.66 28.54 -8.73
N TYR B 159 -24.05 28.80 -7.48
CA TYR B 159 -23.55 28.05 -6.34
C TYR B 159 -23.83 26.55 -6.49
N LEU B 160 -22.85 25.73 -6.11
CA LEU B 160 -22.98 24.28 -6.19
C LEU B 160 -22.80 23.68 -4.80
N TRP B 161 -23.55 22.64 -4.52
CA TRP B 161 -23.59 22.02 -3.21
C TRP B 161 -23.01 20.62 -3.29
N ALA B 162 -21.88 20.40 -2.63
CA ALA B 162 -21.38 19.04 -2.50
C ALA B 162 -22.41 18.16 -1.81
N PHE B 163 -23.08 18.71 -0.81
CA PHE B 163 -24.20 18.10 -0.12
C PHE B 163 -25.34 19.12 -0.15
N PRO B 164 -26.57 18.68 -0.36
CA PRO B 164 -27.68 19.63 -0.48
C PRO B 164 -27.82 20.46 0.79
N PRO B 165 -28.38 21.67 0.67
CA PRO B 165 -28.60 22.49 1.87
C PRO B 165 -29.32 21.75 2.99
N ALA B 166 -30.27 20.87 2.68
CA ALA B 166 -30.99 20.18 3.76
C ALA B 166 -30.04 19.31 4.57
N GLU B 167 -29.05 18.71 3.91
CA GLU B 167 -28.10 17.85 4.58
C GLU B 167 -27.05 18.64 5.33
N GLN B 168 -26.77 19.88 4.91
CA GLN B 168 -25.91 20.75 5.70
C GLN B 168 -26.53 21.01 7.06
N ILE B 169 -27.84 21.12 7.11
CA ILE B 169 -28.53 21.44 8.36
C ILE B 169 -28.84 20.18 9.15
N PHE B 170 -29.35 19.14 8.50
CA PHE B 170 -29.82 17.97 9.21
C PHE B 170 -28.92 16.74 9.09
N GLY B 171 -27.80 16.82 8.35
CA GLY B 171 -26.80 15.77 8.33
C GLY B 171 -26.95 14.85 7.12
N THR B 172 -25.85 14.19 6.77
CA THR B 172 -25.79 13.26 5.64
C THR B 172 -25.37 11.86 6.14
N THR B 173 -25.27 10.90 5.22
CA THR B 173 -24.90 9.52 5.56
C THR B 173 -23.66 9.10 4.78
N ALA B 174 -22.84 8.20 5.36
CA ALA B 174 -21.59 7.77 4.74
C ALA B 174 -21.36 6.27 4.92
N ILE B 175 -20.54 5.72 4.02
CA ILE B 175 -19.97 4.40 4.21
C ILE B 175 -18.45 4.52 4.07
N VAL B 176 -17.74 3.51 4.58
CA VAL B 176 -16.35 3.28 4.22
C VAL B 176 -16.33 2.26 3.08
N PRO B 177 -15.72 2.56 1.94
CA PRO B 177 -15.77 1.60 0.81
C PRO B 177 -15.14 0.25 1.14
N ARG B 178 -15.81 -0.83 0.71
CA ARG B 178 -15.25 -2.17 0.77
C ARG B 178 -14.19 -2.39 -0.28
N HIS B 179 -14.29 -1.69 -1.43
CA HIS B 179 -13.50 -2.01 -2.60
C HIS B 179 -12.53 -0.92 -3.04
N VAL B 180 -12.57 0.25 -2.41
CA VAL B 180 -11.82 1.41 -2.88
C VAL B 180 -11.00 1.98 -1.74
N ARG B 181 -9.81 2.48 -2.06
CA ARG B 181 -8.99 3.28 -1.17
C ARG B 181 -8.59 4.56 -1.88
N ARG B 182 -8.19 5.54 -1.07
CA ARG B 182 -7.72 6.81 -1.62
C ARG B 182 -6.31 6.65 -2.19
N ALA B 183 -6.09 7.18 -3.39
CA ALA B 183 -4.75 7.23 -3.95
C ALA B 183 -3.79 7.91 -2.98
N GLY B 184 -2.58 7.34 -2.84
CA GLY B 184 -1.60 7.86 -1.91
C GLY B 184 -0.76 9.00 -2.48
N ARG B 185 -0.08 9.72 -1.57
CA ARG B 185 0.71 10.88 -1.97
C ARG B 185 1.86 10.52 -2.91
N ASN B 186 2.25 9.25 -2.99
CA ASN B 186 3.30 8.82 -3.90
C ASN B 186 2.76 8.30 -5.23
N THR B 187 1.45 8.39 -5.47
CA THR B 187 0.90 7.97 -6.75
C THR B 187 0.26 9.20 -7.37
N VAL B 188 -1.06 9.33 -7.32
CA VAL B 188 -1.76 10.54 -7.73
C VAL B 188 -1.96 11.35 -6.46
N ASP B 189 -1.12 12.34 -6.26
CA ASP B 189 -0.98 13.02 -4.97
C ASP B 189 -2.21 13.81 -4.54
N PRO B 190 -2.94 13.41 -3.50
CA PRO B 190 -4.13 14.17 -3.10
C PRO B 190 -3.81 15.48 -2.39
N THR B 191 -2.55 15.76 -2.06
CA THR B 191 -2.20 17.03 -1.43
C THR B 191 -2.08 18.18 -2.43
N ILE B 192 -2.24 17.88 -3.71
CA ILE B 192 -2.41 18.90 -4.75
C ILE B 192 -3.80 18.71 -5.37
N ASN B 194 -6.78 18.20 -7.57
CA ASN B 194 -6.66 17.69 -8.93
C ASN B 194 -7.97 17.10 -9.42
N TYR B 195 -8.09 16.95 -10.75
CA TYR B 195 -9.30 16.42 -11.38
C TYR B 195 -9.27 14.90 -11.51
N GLN B 196 -8.31 14.22 -10.88
CA GLN B 196 -8.17 12.78 -11.09
C GLN B 196 -8.99 12.07 -10.03
N TRP B 197 -10.28 11.87 -10.33
CA TRP B 197 -11.26 11.39 -9.34
C TRP B 197 -11.58 9.89 -9.47
N GLY B 198 -10.71 9.11 -10.13
CA GLY B 198 -11.01 7.71 -10.34
C GLY B 198 -11.45 6.98 -9.08
N ASP B 199 -10.67 7.11 -8.00
CA ASP B 199 -11.04 6.46 -6.75
C ASP B 199 -12.23 7.14 -6.09
N LEU B 200 -12.34 8.48 -6.23
CA LEU B 200 -13.44 9.22 -5.61
C LEU B 200 -14.76 8.89 -6.27
N THR B 201 -14.79 8.84 -7.61
CA THR B 201 -15.97 8.41 -8.32
C THR B 201 -16.35 6.97 -7.96
N ALA B 202 -15.37 6.07 -7.96
CA ALA B 202 -15.63 4.69 -7.58
C ALA B 202 -16.23 4.59 -6.19
N ALA B 203 -15.71 5.39 -5.23
CA ALA B 203 -16.27 5.36 -3.88
C ALA B 203 -17.69 5.89 -3.85
N SER B 204 -17.95 6.96 -4.60
CA SER B 204 -19.29 7.54 -4.66
C SER B 204 -20.29 6.53 -5.21
N PHE B 205 -19.91 5.79 -6.25
CA PHE B 205 -20.81 4.78 -6.79
C PHE B 205 -21.08 3.69 -5.77
N GLU B 206 -20.04 3.25 -5.06
CA GLU B 206 -20.24 2.23 -4.03
C GLU B 206 -21.15 2.76 -2.93
N ALA B 207 -20.98 4.02 -2.53
CA ALA B 207 -21.87 4.59 -1.53
C ALA B 207 -23.32 4.52 -2.01
N LYS B 208 -23.56 4.97 -3.24
CA LYS B 208 -24.89 4.94 -3.82
C LYS B 208 -25.42 3.50 -3.92
N ASP B 209 -24.57 2.57 -4.35
CA ASP B 209 -24.95 1.15 -4.36
C ASP B 209 -25.43 0.68 -2.99
N ARG B 210 -24.84 1.20 -1.91
CA ARG B 210 -25.16 0.73 -0.58
C ARG B 210 -26.20 1.60 0.12
N GLY B 211 -26.79 2.57 -0.58
CA GLY B 211 -27.81 3.39 0.00
C GLY B 211 -27.33 4.54 0.86
N ALA B 212 -26.04 4.89 0.78
CA ALA B 212 -25.50 6.00 1.51
C ALA B 212 -25.25 7.16 0.57
N ARG B 213 -25.19 8.38 1.13
CA ARG B 213 -24.98 9.54 0.29
C ARG B 213 -23.52 9.68 -0.16
N THR B 214 -22.56 9.32 0.71
CA THR B 214 -21.16 9.58 0.40
C THR B 214 -20.27 8.50 1.04
N ALA B 215 -18.96 8.63 0.79
CA ALA B 215 -17.95 7.69 1.23
C ALA B 215 -16.87 8.45 1.98
N ILE B 216 -16.30 7.83 3.01
CA ILE B 216 -15.06 8.27 3.62
C ILE B 216 -14.01 7.23 3.24
N LEU B 217 -12.99 7.64 2.49
CA LEU B 217 -11.95 6.70 2.04
C LEU B 217 -10.81 6.58 3.06
N LEU B 218 -10.26 5.37 3.18
CA LEU B 218 -9.04 5.16 3.96
C LEU B 218 -7.85 5.20 3.01
N ASP B 219 -6.66 5.40 3.56
CA ASP B 219 -5.46 5.32 2.77
C ASP B 219 -4.87 3.91 2.90
N SER B 220 -3.65 3.73 2.41
CA SER B 220 -3.11 2.39 2.32
C SER B 220 -2.81 1.78 3.69
N ASP B 221 -2.64 2.60 4.74
CA ASP B 221 -2.39 2.08 6.08
C ASP B 221 -3.64 2.06 6.95
N ASN B 222 -4.83 2.18 6.35
CA ASN B 222 -6.12 2.20 7.07
C ASN B 222 -6.25 3.42 7.98
N CYS B 223 -5.55 4.50 7.64
CA CYS B 223 -5.82 5.79 8.27
C CYS B 223 -6.84 6.53 7.42
N VAL B 224 -7.63 7.40 8.06
CA VAL B 224 -8.60 8.18 7.30
C VAL B 224 -7.85 9.04 6.32
N ALA B 225 -8.40 9.13 5.10
CA ALA B 225 -7.85 9.97 4.05
C ALA B 225 -8.78 11.15 3.89
N GLU B 226 -9.81 11.06 3.07
CA GLU B 226 -10.76 12.14 2.81
C GLU B 226 -11.89 11.53 2.00
N GLY B 227 -12.84 12.36 1.58
CA GLY B 227 -13.96 11.90 0.82
C GLY B 227 -13.94 12.50 -0.57
N PRO B 228 -14.93 12.15 -1.39
CA PRO B 228 -15.00 12.70 -2.76
C PRO B 228 -15.33 14.18 -2.76
N GLY B 229 -14.32 15.03 -2.74
CA GLY B 229 -14.51 16.47 -2.75
C GLY B 229 -14.55 17.14 -1.39
N PHE B 230 -14.10 16.49 -0.31
CA PHE B 230 -14.13 17.13 0.99
C PHE B 230 -13.14 16.50 1.95
N ASN B 231 -12.67 17.30 2.91
CA ASN B 231 -11.93 16.75 4.04
C ASN B 231 -12.92 16.23 5.10
N VAL B 232 -12.41 15.37 5.98
CA VAL B 232 -13.20 14.77 7.04
C VAL B 232 -12.61 15.22 8.36
N CYS B 233 -13.46 15.65 9.29
CA CYS B 233 -13.02 16.04 10.62
C CYS B 233 -13.68 15.11 11.63
N ILE B 234 -12.92 14.71 12.66
CA ILE B 234 -13.34 13.70 13.62
C ILE B 234 -13.33 14.31 15.01
N VAL B 235 -14.46 14.21 15.72
CA VAL B 235 -14.62 14.72 17.07
C VAL B 235 -14.62 13.56 18.05
N LYS B 236 -13.76 13.63 19.06
CA LYS B 236 -13.74 12.59 20.08
C LYS B 236 -13.34 13.23 21.40
N ASP B 237 -14.16 13.04 22.44
CA ASP B 237 -13.86 13.56 23.79
C ASP B 237 -13.59 15.06 23.76
N GLY B 238 -14.42 15.81 23.03
CA GLY B 238 -14.27 17.25 23.01
C GLY B 238 -13.08 17.79 22.24
N LYS B 239 -12.36 16.92 21.52
CA LYS B 239 -11.23 17.33 20.69
C LYS B 239 -11.56 17.07 19.23
N LEU B 240 -10.93 17.85 18.35
CA LEU B 240 -11.15 17.79 16.91
C LEU B 240 -9.86 17.35 16.24
N ALA B 241 -9.96 16.39 15.31
CA ALA B 241 -8.82 15.96 14.51
C ALA B 241 -9.21 15.83 13.04
N SER B 242 -8.19 15.95 12.18
CA SER B 242 -8.36 15.76 10.76
C SER B 242 -7.07 15.21 10.17
N PRO B 243 -7.17 14.29 9.21
CA PRO B 243 -5.99 13.66 8.63
C PRO B 243 -4.96 14.65 8.08
N SER B 244 -3.69 14.33 8.31
CA SER B 244 -2.56 15.14 7.89
C SER B 244 -1.88 14.67 6.63
N ARG B 245 -1.97 13.38 6.26
CA ARG B 245 -1.20 12.87 5.13
C ARG B 245 -1.96 12.86 3.81
N ASN B 246 -2.85 11.89 3.60
CA ASN B 246 -3.44 11.65 2.27
C ASN B 246 -4.78 12.39 2.16
N ALA B 247 -4.68 13.72 2.14
CA ALA B 247 -5.84 14.59 2.14
C ALA B 247 -5.43 15.96 1.63
N LEU B 248 -6.31 16.62 0.89
CA LEU B 248 -6.02 17.99 0.53
C LEU B 248 -5.91 18.85 1.78
N PRO B 249 -4.91 19.72 1.86
CA PRO B 249 -4.93 20.78 2.88
C PRO B 249 -6.00 21.81 2.58
N GLY B 250 -7.23 21.52 3.01
CA GLY B 250 -8.36 22.33 2.61
C GLY B 250 -8.38 23.68 3.29
N ILE B 251 -8.96 24.65 2.57
CA ILE B 251 -9.19 25.97 3.15
C ILE B 251 -10.40 25.98 4.08
N THR B 252 -11.43 25.18 3.78
CA THR B 252 -12.53 25.03 4.74
C THR B 252 -12.02 24.38 6.03
N ARG B 253 -11.20 23.34 5.90
CA ARG B 253 -10.58 22.74 7.09
C ARG B 253 -9.77 23.77 7.86
N LYS B 254 -8.97 24.56 7.14
CA LYS B 254 -8.21 25.60 7.80
C LYS B 254 -9.12 26.52 8.59
N THR B 255 -10.25 26.91 7.99
CA THR B 255 -11.21 27.79 8.66
C THR B 255 -11.82 27.09 9.87
N VAL B 256 -12.19 25.82 9.71
CA VAL B 256 -12.78 25.05 10.82
C VAL B 256 -11.80 24.99 11.99
N PHE B 257 -10.51 24.85 11.69
CA PHE B 257 -9.53 24.82 12.77
C PHE B 257 -9.41 26.18 13.44
N GLU B 258 -9.55 27.27 12.67
CA GLU B 258 -9.52 28.59 13.31
C GLU B 258 -10.77 28.79 14.16
N ILE B 259 -11.93 28.36 13.65
CA ILE B 259 -13.17 28.47 14.43
C ILE B 259 -13.04 27.71 15.74
N ALA B 260 -12.55 26.47 15.65
CA ALA B 260 -12.39 25.65 16.84
C ALA B 260 -11.46 26.33 17.85
N ASP B 261 -10.31 26.82 17.38
CA ASP B 261 -9.34 27.46 18.24
C ASP B 261 -9.97 28.62 19.02
N GLN B 262 -10.76 29.43 18.34
CA GLN B 262 -11.45 30.56 18.95
C GLN B 262 -12.51 30.09 19.94
N MET B 263 -13.04 28.90 19.74
CA MET B 263 -14.00 28.29 20.64
C MET B 263 -13.33 27.61 21.83
N GLY B 264 -12.01 27.64 21.91
CA GLY B 264 -11.30 26.95 22.98
C GLY B 264 -11.20 25.45 22.78
N ILE B 265 -11.40 24.97 21.56
CA ILE B 265 -11.34 23.55 21.25
C ILE B 265 -9.97 23.23 20.66
N GLU B 266 -9.33 22.18 21.17
CA GLU B 266 -8.06 21.72 20.60
C GLU B 266 -8.35 21.00 19.27
N ALA B 267 -7.73 21.49 18.19
CA ALA B 267 -7.88 20.92 16.86
C ALA B 267 -6.50 20.53 16.35
N THR B 268 -6.37 19.31 15.83
CA THR B 268 -5.04 18.77 15.53
C THR B 268 -5.04 18.09 14.17
N LEU B 269 -4.03 18.36 13.35
CA LEU B 269 -3.79 17.64 12.11
C LEU B 269 -2.88 16.46 12.44
N ARG B 270 -3.39 15.25 12.25
CA ARG B 270 -2.66 14.04 12.62
C ARG B 270 -3.25 12.86 11.86
N ASP B 271 -2.58 11.73 11.97
CA ASP B 271 -3.16 10.48 11.48
C ASP B 271 -4.34 10.11 12.36
N VAL B 272 -5.45 9.76 11.72
CA VAL B 272 -6.64 9.27 12.42
C VAL B 272 -6.84 7.84 11.95
N THR B 273 -6.80 6.89 12.88
CA THR B 273 -6.88 5.51 12.39
C THR B 273 -8.32 5.12 12.06
N SER B 274 -8.48 3.98 11.38
CA SER B 274 -9.83 3.50 11.12
C SER B 274 -10.58 3.18 12.41
N HIS B 275 -9.88 2.69 13.45
CA HIS B 275 -10.52 2.51 14.76
C HIS B 275 -11.14 3.81 15.24
N GLU B 276 -10.36 4.90 15.19
CA GLU B 276 -10.86 6.20 15.65
C GLU B 276 -12.03 6.68 14.80
N LEU B 277 -12.00 6.39 13.49
CA LEU B 277 -13.11 6.82 12.64
C LEU B 277 -14.42 6.17 13.10
N TYR B 278 -14.39 4.87 13.37
CA TYR B 278 -15.62 4.17 13.71
C TYR B 278 -16.09 4.50 15.10
N ASP B 279 -15.19 4.96 15.96
CA ASP B 279 -15.48 5.27 17.36
C ASP B 279 -15.72 6.76 17.59
N ALA B 280 -15.91 7.55 16.53
CA ALA B 280 -16.03 8.99 16.68
C ALA B 280 -17.28 9.38 17.47
N ASP B 281 -17.17 10.47 18.24
CA ASP B 281 -18.35 11.10 18.81
C ASP B 281 -19.11 11.89 17.74
N GLU B 282 -18.37 12.53 16.83
CA GLU B 282 -18.98 13.25 15.72
C GLU B 282 -18.08 13.14 14.49
N LEU B 283 -18.69 13.22 13.30
CA LEU B 283 -17.97 13.26 12.04
C LEU B 283 -18.55 14.38 11.19
N MET B 284 -17.70 15.07 10.41
CA MET B 284 -18.22 16.10 9.52
C MET B 284 -17.39 16.11 8.26
N ALA B 285 -18.02 16.55 7.18
CA ALA B 285 -17.36 16.83 5.92
C ALA B 285 -17.19 18.34 5.79
N VAL B 286 -16.03 18.78 5.28
CA VAL B 286 -15.77 20.21 5.14
C VAL B 286 -15.22 20.45 3.73
N THR B 287 -15.82 21.40 3.02
CA THR B 287 -15.36 21.71 1.66
C THR B 287 -15.99 23.04 1.24
N THR B 288 -15.34 23.70 0.28
CA THR B 288 -15.75 25.05 -0.11
C THR B 288 -17.19 25.08 -0.62
N ALA B 289 -17.57 24.08 -1.42
CA ALA B 289 -18.89 24.07 -2.04
C ALA B 289 -19.91 23.52 -1.03
N GLY B 290 -20.27 24.38 -0.09
CA GLY B 290 -21.31 24.05 0.87
C GLY B 290 -20.88 24.04 2.33
N GLY B 291 -19.61 24.10 2.63
CA GLY B 291 -19.18 24.37 4.01
C GLY B 291 -19.02 23.09 4.83
N VAL B 292 -19.72 23.03 5.97
CA VAL B 292 -19.53 22.02 7.02
C VAL B 292 -20.78 21.15 7.09
N THR B 293 -20.65 19.87 6.73
CA THR B 293 -21.78 18.95 6.66
C THR B 293 -21.70 17.90 7.77
N PRO B 294 -22.72 17.79 8.61
CA PRO B 294 -22.74 16.71 9.61
C PRO B 294 -22.87 15.37 8.91
N ILE B 295 -22.17 14.37 9.46
CA ILE B 295 -22.26 13.00 8.99
C ILE B 295 -22.92 12.17 10.09
N ASN B 296 -24.21 11.85 9.89
CA ASN B 296 -25.01 11.27 10.97
C ASN B 296 -24.67 9.81 11.22
N SER B 297 -24.27 9.07 10.18
CA SER B 297 -24.06 7.65 10.37
C SER B 297 -22.92 7.22 9.46
N LEU B 298 -22.29 6.12 9.85
CA LEU B 298 -21.20 5.50 9.10
C LEU B 298 -21.54 4.03 9.02
N ASP B 299 -21.59 3.50 7.79
CA ASP B 299 -21.93 2.08 7.57
C ASP B 299 -23.24 1.68 8.24
N GLY B 300 -24.21 2.60 8.23
CA GLY B 300 -25.53 2.38 8.80
C GLY B 300 -25.61 2.46 10.30
N GLU B 301 -24.54 2.82 10.98
CA GLU B 301 -24.53 2.91 12.43
C GLU B 301 -24.48 4.37 12.84
N ALA B 302 -25.31 4.73 13.82
CA ALA B 302 -25.35 6.12 14.28
C ALA B 302 -23.99 6.56 14.78
N ILE B 303 -23.61 7.78 14.40
CA ILE B 303 -22.50 8.47 15.04
C ILE B 303 -23.13 9.33 16.13
N GLY B 304 -22.74 9.09 17.39
CA GLY B 304 -23.45 9.77 18.47
C GLY B 304 -24.90 9.31 18.46
N ASN B 305 -25.82 10.28 18.50
CA ASN B 305 -27.23 9.93 18.45
C ASN B 305 -27.78 9.87 17.03
N GLY B 306 -26.92 9.86 16.00
CA GLY B 306 -27.42 9.71 14.65
C GLY B 306 -27.98 10.96 14.03
N ALA B 307 -27.79 12.10 14.68
CA ALA B 307 -28.18 13.42 14.21
C ALA B 307 -26.96 14.30 14.34
N PRO B 308 -26.97 15.50 13.76
CA PRO B 308 -25.76 16.35 13.82
C PRO B 308 -25.28 16.57 15.25
N GLY B 309 -23.95 16.47 15.43
CA GLY B 309 -23.35 16.58 16.74
C GLY B 309 -23.23 18.03 17.16
N PRO B 310 -23.14 18.27 18.48
CA PRO B 310 -23.14 19.67 18.95
C PRO B 310 -21.95 20.48 18.47
N MET B 311 -20.72 19.94 18.54
CA MET B 311 -19.60 20.76 18.10
C MET B 311 -19.70 21.03 16.60
N THR B 312 -20.19 20.05 15.81
CA THR B 312 -20.36 20.27 14.37
C THR B 312 -21.33 21.40 14.12
N VAL B 313 -22.46 21.39 14.83
CA VAL B 313 -23.46 22.43 14.68
C VAL B 313 -22.86 23.80 14.99
N ALA B 314 -22.15 23.89 16.12
CA ALA B 314 -21.54 25.15 16.54
C ALA B 314 -20.54 25.65 15.51
N ILE B 315 -19.73 24.73 14.97
CA ILE B 315 -18.72 25.11 13.99
C ILE B 315 -19.37 25.55 12.69
N ARG B 316 -20.37 24.79 12.22
CA ARG B 316 -21.03 25.16 10.96
C ARG B 316 -21.68 26.53 11.05
N ASP B 317 -22.41 26.79 12.14
CA ASP B 317 -23.10 28.07 12.29
C ASP B 317 -22.12 29.22 12.32
N ARG B 318 -20.99 29.06 13.00
CA ARG B 318 -19.96 30.09 12.99
C ARG B 318 -19.42 30.29 11.58
N PHE B 319 -19.26 29.20 10.83
CA PHE B 319 -18.73 29.29 9.48
C PHE B 319 -19.59 30.18 8.59
N TRP B 320 -20.92 30.03 8.68
CA TRP B 320 -21.75 30.83 7.81
C TRP B 320 -21.82 32.29 8.27
N ALA B 321 -21.67 32.54 9.57
CA ALA B 321 -21.60 33.91 10.06
C ALA B 321 -20.36 34.63 9.53
N LEU B 322 -19.28 33.88 9.27
CA LEU B 322 -18.05 34.49 8.78
C LEU B 322 -18.26 35.15 7.42
N MET B 323 -19.22 34.66 6.64
CA MET B 323 -19.45 35.19 5.30
C MET B 323 -19.97 36.63 5.31
N ASP B 324 -20.49 37.09 6.45
CA ASP B 324 -21.09 38.42 6.57
C ASP B 324 -20.30 39.36 7.48
N GLU B 325 -19.30 38.88 8.23
CA GLU B 325 -18.56 39.77 9.15
C GLU B 325 -17.40 40.43 8.42
N PRO B 326 -17.36 41.77 8.35
CA PRO B 326 -16.19 42.42 7.75
C PRO B 326 -14.91 41.98 8.44
N GLY B 327 -13.87 41.78 7.63
CA GLY B 327 -12.61 41.30 8.13
C GLY B 327 -11.75 40.73 7.01
N PRO B 328 -10.56 40.23 7.36
CA PRO B 328 -9.61 39.79 6.33
C PRO B 328 -10.04 38.57 5.53
N LEU B 329 -11.05 37.82 5.98
CA LEU B 329 -11.46 36.59 5.30
C LEU B 329 -12.37 36.83 4.10
N ILE B 330 -13.02 37.99 4.00
CA ILE B 330 -13.98 38.23 2.93
C ILE B 330 -13.67 39.56 2.24
N GLU B 331 -14.08 39.64 0.98
CA GLU B 331 -14.01 40.87 0.22
C GLU B 331 -15.29 41.01 -0.58
N ALA B 332 -15.95 42.15 -0.47
CA ALA B 332 -17.17 42.37 -1.25
C ALA B 332 -16.78 42.53 -2.72
N ILE B 333 -17.42 41.78 -3.61
CA ILE B 333 -17.21 41.94 -5.04
C ILE B 333 -17.86 43.25 -5.41
N GLU B 334 -17.39 43.94 -6.39
CA GLU B 334 -18.36 44.94 -6.84
C GLU B 334 -18.92 44.74 -8.19
N TYR B 335 -20.23 44.71 -8.16
CA TYR B 335 -21.10 44.47 -9.24
C TYR B 335 -21.39 45.82 -9.87
N SER C 6 -7.82 -14.84 21.93
CA SER C 6 -8.20 -14.77 20.51
C SER C 6 -9.06 -15.97 20.09
N ASN C 7 -9.46 -16.02 18.81
CA ASN C 7 -10.17 -17.17 18.27
C ASN C 7 -9.24 -18.21 17.66
N LEU C 8 -7.92 -18.02 17.76
CA LEU C 8 -6.98 -18.97 17.19
C LEU C 8 -6.73 -20.14 18.11
N VAL C 9 -6.62 -21.33 17.53
CA VAL C 9 -6.28 -22.49 18.33
C VAL C 9 -4.89 -22.27 18.93
N ALA C 10 -4.77 -22.55 20.23
CA ALA C 10 -3.46 -22.53 20.85
C ALA C 10 -2.67 -23.72 20.36
N VAL C 11 -1.47 -23.46 19.84
CA VAL C 11 -0.61 -24.52 19.30
C VAL C 11 0.21 -25.06 20.48
N GLU C 12 -0.35 -26.05 21.17
CA GLU C 12 0.28 -26.68 22.33
C GLU C 12 -0.29 -28.08 22.48
N PRO C 13 0.36 -28.94 23.27
CA PRO C 13 -0.18 -30.30 23.44
C PRO C 13 -1.59 -30.27 24.02
N GLY C 14 -2.45 -31.11 23.44
CA GLY C 14 -3.87 -31.10 23.77
C GLY C 14 -4.42 -32.51 23.90
N ALA C 15 -5.74 -32.63 23.96
CA ALA C 15 -6.38 -33.94 24.09
C ALA C 15 -6.09 -34.83 22.88
N ILE C 16 -5.98 -36.14 23.15
CA ILE C 16 -5.64 -37.09 22.09
C ILE C 16 -6.81 -37.26 21.12
N ARG C 17 -8.04 -37.08 21.59
CA ARG C 17 -9.24 -37.21 20.78
C ARG C 17 -10.22 -36.11 21.15
N GLU C 18 -11.07 -35.75 20.19
CA GLU C 18 -12.09 -34.74 20.37
C GLU C 18 -13.36 -35.22 19.68
N ASP C 19 -14.51 -34.79 20.17
CA ASP C 19 -15.77 -35.19 19.54
C ASP C 19 -15.85 -34.69 18.09
N THR C 20 -16.31 -35.57 17.20
CA THR C 20 -16.56 -35.24 15.82
C THR C 20 -17.98 -35.66 15.46
N PRO C 21 -18.60 -35.02 14.46
CA PRO C 21 -20.01 -35.31 14.16
C PRO C 21 -20.21 -36.75 13.73
N PRO C 22 -21.20 -37.44 14.30
CA PRO C 22 -21.43 -38.84 13.96
C PRO C 22 -21.81 -39.02 12.51
N GLY C 23 -21.27 -40.06 11.89
CA GLY C 23 -21.50 -40.35 10.48
C GLY C 23 -20.73 -39.47 9.51
N SER C 24 -20.04 -38.45 9.99
CA SER C 24 -19.26 -37.58 9.13
C SER C 24 -17.96 -38.25 8.68
N VAL C 25 -17.30 -37.64 7.69
CA VAL C 25 -16.05 -38.17 7.14
C VAL C 25 -14.87 -38.03 8.09
N ILE C 26 -15.03 -37.33 9.21
CA ILE C 26 -13.94 -37.06 10.14
C ILE C 26 -14.15 -37.91 11.39
N GLN C 27 -13.30 -38.91 11.58
CA GLN C 27 -13.36 -39.77 12.77
C GLN C 27 -11.95 -40.08 13.23
N TYR C 28 -11.69 -39.89 14.53
CA TYR C 28 -10.41 -40.24 15.11
C TYR C 28 -10.24 -41.76 15.17
N SER C 29 -8.99 -42.19 15.30
CA SER C 29 -8.69 -43.59 15.56
C SER C 29 -9.06 -43.94 17.01
N ASP C 30 -9.51 -45.18 17.22
CA ASP C 30 -9.78 -45.70 18.57
C ASP C 30 -8.54 -46.42 19.11
N TYR C 31 -7.94 -45.88 20.16
CA TYR C 31 -6.74 -46.49 20.74
C TYR C 31 -6.30 -45.81 22.02
N GLU C 32 -5.54 -46.55 22.83
CA GLU C 32 -5.02 -46.01 24.08
C GLU C 32 -3.54 -45.68 23.94
N LEU C 33 -3.02 -44.99 24.95
CA LEU C 33 -1.64 -44.53 25.00
C LEU C 33 -0.93 -45.23 26.15
N ASP C 34 0.15 -45.90 25.81
CA ASP C 34 0.90 -46.70 26.71
C ASP C 34 1.82 -45.73 27.45
N HIS C 35 1.40 -45.38 28.65
CA HIS C 35 2.10 -44.37 29.42
C HIS C 35 3.33 -44.93 30.13
N SER C 36 3.66 -46.21 29.92
CA SER C 36 4.95 -46.72 30.37
C SER C 36 6.09 -46.01 29.66
N SER C 37 5.87 -45.59 28.41
CA SER C 37 6.82 -44.73 27.71
C SER C 37 6.58 -43.27 28.08
N PRO C 38 7.63 -42.52 28.46
CA PRO C 38 7.44 -41.10 28.79
C PRO C 38 7.10 -40.26 27.57
N PHE C 39 7.37 -40.75 26.37
CA PHE C 39 7.08 -40.06 25.12
C PHE C 39 5.61 -40.12 24.71
N ALA C 40 4.81 -40.95 25.38
CA ALA C 40 3.41 -41.12 24.98
C ALA C 40 2.68 -39.79 25.00
N GLY C 41 2.05 -39.46 23.88
CA GLY C 41 1.24 -38.27 23.80
C GLY C 41 1.91 -37.05 23.21
N GLY C 42 3.22 -37.10 22.96
CA GLY C 42 3.90 -35.93 22.42
C GLY C 42 5.41 -35.97 22.50
N VAL C 43 6.08 -35.73 21.38
CA VAL C 43 7.52 -35.80 21.29
C VAL C 43 8.07 -34.57 20.57
N ALA C 44 9.16 -34.03 21.09
CA ALA C 44 9.90 -32.98 20.45
C ALA C 44 11.33 -33.44 20.21
N TRP C 45 11.94 -32.93 19.15
CA TRP C 45 13.33 -33.20 18.83
C TRP C 45 14.03 -31.85 18.79
N ILE C 46 14.84 -31.56 19.82
CA ILE C 46 15.45 -30.25 20.00
C ILE C 46 16.94 -30.45 20.24
N GLU C 47 17.76 -29.78 19.42
CA GLU C 47 19.22 -29.85 19.54
C GLU C 47 19.71 -31.29 19.55
N GLY C 48 19.15 -32.11 18.66
CA GLY C 48 19.57 -33.48 18.51
C GLY C 48 19.03 -34.46 19.52
N GLU C 49 18.10 -34.05 20.38
CA GLU C 49 17.63 -34.87 21.48
C GLU C 49 16.12 -35.05 21.39
N PHE C 50 15.65 -36.28 21.48
CA PHE C 50 14.22 -36.53 21.61
C PHE C 50 13.76 -36.28 23.04
N LEU C 51 12.64 -35.60 23.19
CA LEU C 51 12.10 -35.26 24.50
C LEU C 51 10.61 -35.49 24.53
N PRO C 52 10.04 -35.72 25.72
CA PRO C 52 8.59 -35.60 25.86
C PRO C 52 8.19 -34.14 25.61
N ALA C 53 7.02 -33.95 24.98
CA ALA C 53 6.65 -32.62 24.48
C ALA C 53 6.62 -31.58 25.61
N GLU C 54 6.14 -31.98 26.80
CA GLU C 54 6.05 -31.07 27.93
C GLU C 54 7.40 -30.51 28.35
N ASP C 55 8.49 -31.20 28.02
CA ASP C 55 9.84 -30.77 28.33
C ASP C 55 10.47 -29.94 27.22
N ALA C 56 9.79 -29.72 26.11
CA ALA C 56 10.40 -29.08 24.96
C ALA C 56 10.62 -27.59 25.23
N LYS C 57 11.88 -27.16 25.14
CA LYS C 57 12.28 -25.80 25.44
C LYS C 57 13.40 -25.40 24.49
N ILE C 58 13.44 -24.10 24.15
CA ILE C 58 14.45 -23.56 23.25
C ILE C 58 15.14 -22.41 23.96
N SER C 59 16.36 -22.12 23.52
CA SER C 59 17.09 -20.98 24.06
C SER C 59 16.30 -19.70 23.84
N ILE C 60 16.19 -18.87 24.88
CA ILE C 60 15.51 -17.59 24.68
C ILE C 60 16.29 -16.71 23.69
N PHE C 61 17.56 -16.99 23.48
CA PHE C 61 18.41 -16.19 22.60
C PHE C 61 18.44 -16.69 21.17
N ASP C 62 17.63 -17.68 20.84
CA ASP C 62 17.50 -18.07 19.45
C ASP C 62 16.91 -16.88 18.67
N THR C 63 17.57 -16.48 17.58
CA THR C 63 17.08 -15.39 16.75
C THR C 63 15.76 -15.73 16.06
N GLY C 64 15.41 -17.01 15.99
CA GLY C 64 14.05 -17.38 15.67
C GLY C 64 13.02 -16.84 16.63
N PHE C 65 13.42 -16.55 17.86
CA PHE C 65 12.52 -15.90 18.82
C PHE C 65 12.63 -14.39 18.64
N GLY C 66 13.80 -13.82 18.95
CA GLY C 66 13.93 -12.36 19.02
C GLY C 66 13.72 -11.64 17.70
N HIS C 67 13.94 -12.31 16.56
CA HIS C 67 13.65 -11.70 15.27
C HIS C 67 12.64 -12.52 14.46
N SER C 68 12.05 -13.56 15.05
CA SER C 68 11.17 -14.47 14.30
C SER C 68 11.82 -14.84 12.97
N ASP C 69 13.13 -15.08 13.02
CA ASP C 69 13.93 -15.30 11.82
C ASP C 69 13.93 -16.80 11.55
N LEU C 70 12.91 -17.27 10.85
CA LEU C 70 12.65 -18.71 10.71
C LEU C 70 11.63 -18.93 9.60
N THR C 71 11.51 -20.19 9.20
CA THR C 71 10.34 -20.68 8.46
C THR C 71 9.97 -22.03 9.06
N TYR C 72 8.81 -22.55 8.69
CA TYR C 72 8.35 -23.81 9.27
C TYR C 72 7.34 -24.44 8.36
N THR C 73 7.00 -25.68 8.67
CA THR C 73 5.86 -26.30 8.02
C THR C 73 5.16 -27.20 9.01
N VAL C 74 3.91 -27.54 8.70
CA VAL C 74 3.08 -28.40 9.53
C VAL C 74 2.51 -29.48 8.63
N ALA C 75 2.75 -30.74 8.98
CA ALA C 75 2.10 -31.86 8.34
C ALA C 75 1.15 -32.49 9.34
N HIS C 76 0.09 -33.16 8.88
CA HIS C 76 -0.75 -33.84 9.84
C HIS C 76 -0.63 -35.36 9.64
N VAL C 77 -0.90 -36.08 10.71
CA VAL C 77 -1.02 -37.53 10.70
C VAL C 77 -2.47 -37.85 10.99
N TRP C 78 -3.06 -38.71 10.18
CA TRP C 78 -4.46 -39.10 10.35
C TRP C 78 -4.53 -40.61 10.16
N HIS C 79 -5.13 -41.30 11.13
CA HIS C 79 -5.21 -42.76 11.10
C HIS C 79 -3.83 -43.39 10.94
N GLY C 80 -2.83 -42.84 11.62
CA GLY C 80 -1.49 -43.37 11.50
C GLY C 80 -0.79 -43.10 10.18
N ASN C 81 -1.38 -42.30 9.29
CA ASN C 81 -0.77 -41.98 8.00
C ASN C 81 -0.37 -40.50 7.99
N ILE C 82 0.91 -40.21 7.69
CA ILE C 82 1.40 -38.84 7.50
C ILE C 82 1.14 -38.42 6.06
N PHE C 83 0.66 -37.19 5.85
CA PHE C 83 0.12 -36.77 4.56
C PHE C 83 1.09 -35.80 3.86
N ARG C 84 1.57 -36.22 2.68
CA ARG C 84 2.37 -35.39 1.77
C ARG C 84 3.63 -34.84 2.43
N LEU C 85 4.30 -35.67 3.22
CA LEU C 85 5.47 -35.21 3.95
C LEU C 85 6.57 -34.73 3.02
N GLY C 86 6.71 -35.39 1.88
CA GLY C 86 7.74 -34.98 0.93
C GLY C 86 7.50 -33.59 0.39
N ASP C 87 6.24 -33.24 0.13
CA ASP C 87 5.91 -31.91 -0.33
C ASP C 87 6.22 -30.87 0.75
N HIS C 88 5.95 -31.22 2.01
CA HIS C 88 6.19 -30.32 3.13
C HIS C 88 7.68 -30.05 3.32
N LEU C 89 8.50 -31.09 3.23
CA LEU C 89 9.95 -30.91 3.34
C LEU C 89 10.49 -30.12 2.16
N ASP C 90 9.99 -30.36 0.95
CA ASP C 90 10.39 -29.56 -0.19
C ASP C 90 10.11 -28.08 0.06
N ARG C 91 8.89 -27.77 0.53
CA ARG C 91 8.54 -26.37 0.80
C ARG C 91 9.38 -25.79 1.91
N LEU C 92 9.57 -26.57 2.99
CA LEU C 92 10.35 -26.07 4.10
C LEU C 92 11.76 -25.71 3.65
N LEU C 93 12.39 -26.60 2.88
CA LEU C 93 13.76 -26.38 2.45
C LEU C 93 13.86 -25.29 1.41
N ASP C 94 12.86 -25.18 0.53
CA ASP C 94 12.89 -24.10 -0.45
C ASP C 94 12.79 -22.76 0.26
N GLY C 95 11.87 -22.65 1.21
CA GLY C 95 11.77 -21.41 1.97
C GLY C 95 13.01 -21.10 2.78
N ALA C 96 13.60 -22.12 3.41
CA ALA C 96 14.82 -21.89 4.19
C ALA C 96 15.93 -21.36 3.29
N ARG C 97 16.03 -21.90 2.08
CA ARG C 97 17.02 -21.41 1.13
C ARG C 97 16.79 -19.94 0.83
N LYS C 98 15.52 -19.53 0.65
CA LYS C 98 15.22 -18.13 0.36
C LYS C 98 15.59 -17.22 1.53
N LEU C 99 15.57 -17.72 2.76
CA LEU C 99 15.97 -16.97 3.94
C LEU C 99 17.45 -17.14 4.27
N ARG C 100 18.20 -17.84 3.42
CA ARG C 100 19.62 -18.11 3.62
C ARG C 100 19.86 -18.92 4.89
N LEU C 101 18.94 -19.82 5.21
CA LEU C 101 19.01 -20.66 6.37
C LEU C 101 19.48 -22.05 5.91
N ASP C 102 20.35 -22.67 6.69
CA ASP C 102 20.87 -23.99 6.34
C ASP C 102 20.43 -24.96 7.43
N ALA C 103 19.48 -25.84 7.10
CA ALA C 103 18.97 -26.77 8.10
C ALA C 103 20.05 -27.70 8.64
N GLY C 104 21.09 -27.96 7.84
CA GLY C 104 22.13 -28.88 8.23
C GLY C 104 21.76 -30.35 8.14
N TYR C 105 20.52 -30.66 7.79
CA TYR C 105 20.06 -32.02 7.64
C TYR C 105 19.46 -32.16 6.25
N THR C 106 19.59 -33.35 5.67
CA THR C 106 18.99 -33.57 4.36
C THR C 106 17.49 -33.82 4.48
N LYS C 107 16.83 -33.79 3.32
CA LYS C 107 15.39 -34.04 3.28
C LYS C 107 15.07 -35.43 3.82
N ASP C 108 15.86 -36.43 3.43
CA ASP C 108 15.67 -37.79 3.93
C ASP C 108 15.95 -37.88 5.42
N GLU C 109 16.97 -37.17 5.89
CA GLU C 109 17.27 -37.16 7.32
C GLU C 109 16.12 -36.56 8.10
N LEU C 110 15.56 -35.45 7.62
CA LEU C 110 14.45 -34.81 8.31
C LEU C 110 13.20 -35.69 8.30
N ALA C 111 12.97 -36.38 7.19
CA ALA C 111 11.84 -37.31 7.07
C ALA C 111 11.93 -38.42 8.11
N ASP C 112 13.12 -39.03 8.28
CA ASP C 112 13.28 -40.09 9.28
C ASP C 112 13.05 -39.56 10.69
N ILE C 113 13.67 -38.43 11.03
CA ILE C 113 13.50 -37.87 12.38
C ILE C 113 12.05 -37.55 12.66
N THR C 114 11.35 -36.99 11.65
CA THR C 114 9.95 -36.58 11.82
C THR C 114 9.06 -37.78 12.09
N LYS C 115 9.20 -38.84 11.27
CA LYS C 115 8.41 -40.05 11.47
C LYS C 115 8.76 -40.73 12.79
N GLN C 116 10.02 -40.65 13.21
CA GLN C 116 10.36 -41.16 14.53
C GLN C 116 9.63 -40.42 15.63
N CYS C 117 9.51 -39.09 15.53
CA CYS C 117 8.79 -38.35 16.57
C CYS C 117 7.35 -38.82 16.67
N VAL C 118 6.71 -39.04 15.51
CA VAL C 118 5.32 -39.49 15.54
C VAL C 118 5.24 -40.88 16.16
N SER C 119 6.09 -41.80 15.70
CA SER C 119 6.13 -43.15 16.23
C SER C 119 6.27 -43.15 17.74
N MET C 120 7.31 -42.49 18.25
CA MET C 120 7.53 -42.44 19.70
C MET C 120 6.36 -41.82 20.45
N SER C 121 5.68 -40.85 19.85
CA SER C 121 4.54 -40.22 20.49
C SER C 121 3.33 -41.15 20.59
N GLN C 122 3.27 -42.16 19.72
CA GLN C 122 2.17 -43.12 19.60
C GLN C 122 0.90 -42.50 19.03
N LEU C 123 0.96 -41.27 18.53
CA LEU C 123 -0.27 -40.58 18.09
C LEU C 123 -0.65 -41.03 16.69
N ARG C 124 -1.89 -41.49 16.55
CA ARG C 124 -2.42 -41.85 15.23
C ARG C 124 -3.01 -40.64 14.51
N GLU C 125 -3.41 -39.62 15.26
CA GLU C 125 -3.79 -38.31 14.73
C GLU C 125 -2.86 -37.30 15.38
N SER C 126 -2.11 -36.56 14.56
CA SER C 126 -1.05 -35.73 15.11
C SER C 126 -0.89 -34.44 14.31
N PHE C 127 -0.50 -33.40 15.02
CA PHE C 127 -0.05 -32.12 14.46
C PHE C 127 1.46 -32.10 14.55
N VAL C 128 2.14 -32.00 13.40
CA VAL C 128 3.58 -32.21 13.30
C VAL C 128 4.24 -30.98 12.70
N ASN C 129 5.18 -30.39 13.43
CA ASN C 129 5.83 -29.14 13.06
C ASN C 129 7.31 -29.36 12.81
N LEU C 130 7.82 -28.81 11.72
CA LEU C 130 9.27 -28.69 11.52
C LEU C 130 9.58 -27.21 11.40
N THR C 131 10.46 -26.70 12.26
CA THR C 131 10.85 -25.30 12.25
C THR C 131 12.36 -25.17 12.04
N VAL C 132 12.78 -24.25 11.18
CA VAL C 132 14.19 -23.96 10.92
C VAL C 132 14.44 -22.50 11.26
N THR C 133 15.33 -22.25 12.22
CA THR C 133 15.59 -20.88 12.67
C THR C 133 17.03 -20.45 12.39
N ARG C 134 17.24 -19.13 12.44
CA ARG C 134 18.58 -18.57 12.36
C ARG C 134 19.45 -19.00 13.54
N GLY C 135 18.83 -19.34 14.67
CA GLY C 135 19.58 -19.97 15.73
C GLY C 135 20.38 -18.96 16.56
N TYR C 136 21.45 -19.45 17.16
CA TYR C 136 22.27 -18.65 18.04
C TYR C 136 23.71 -19.12 17.96
N GLY C 137 24.60 -18.31 18.54
CA GLY C 137 26.03 -18.60 18.52
C GLY C 137 26.31 -20.00 18.99
N LEU C 148 27.54 -18.73 14.95
CA LEU C 148 26.11 -18.69 14.64
C LEU C 148 25.69 -19.99 13.94
N THR C 149 24.82 -20.76 14.61
CA THR C 149 24.45 -22.09 14.18
C THR C 149 22.93 -22.16 14.00
N HIS C 150 22.49 -22.41 12.78
CA HIS C 150 21.06 -22.51 12.53
C HIS C 150 20.50 -23.75 13.23
N GLN C 151 19.26 -23.65 13.69
CA GLN C 151 18.63 -24.69 14.53
C GLN C 151 17.44 -25.29 13.81
N VAL C 152 17.25 -26.61 13.99
CA VAL C 152 16.05 -27.31 13.54
C VAL C 152 15.32 -27.85 14.75
N TYR C 153 14.03 -27.56 14.83
CA TYR C 153 13.16 -28.05 15.90
C TYR C 153 12.01 -28.82 15.27
N ILE C 154 11.70 -29.99 15.81
CA ILE C 154 10.59 -30.80 15.33
C ILE C 154 9.75 -31.25 16.50
N TYR C 155 8.43 -31.25 16.34
CA TYR C 155 7.59 -31.87 17.36
C TYR C 155 6.36 -32.48 16.73
N ALA C 156 5.83 -33.51 17.39
CA ALA C 156 4.60 -34.17 17.00
C ALA C 156 3.69 -34.18 18.22
N ILE C 157 2.54 -33.51 18.11
CA ILE C 157 1.68 -33.38 19.29
C ILE C 157 0.27 -33.78 18.89
N PRO C 158 -0.67 -33.88 19.85
CA PRO C 158 -2.03 -34.29 19.46
C PRO C 158 -2.66 -33.33 18.45
N TYR C 159 -3.59 -33.87 17.67
CA TYR C 159 -4.15 -33.13 16.54
C TYR C 159 -4.74 -31.79 16.99
N LEU C 160 -4.56 -30.78 16.17
CA LEU C 160 -5.08 -29.44 16.42
C LEU C 160 -6.00 -29.05 15.27
N TRP C 161 -7.08 -28.35 15.62
CA TRP C 161 -8.12 -27.98 14.67
C TRP C 161 -8.12 -26.46 14.51
N ALA C 162 -7.79 -25.97 13.31
CA ALA C 162 -7.94 -24.53 13.06
C ALA C 162 -9.38 -24.11 13.24
N PHE C 163 -10.31 -24.96 12.81
CA PHE C 163 -11.73 -24.83 13.04
C PHE C 163 -12.22 -26.12 13.68
N PRO C 164 -13.15 -26.03 14.64
CA PRO C 164 -13.59 -27.25 15.32
C PRO C 164 -14.19 -28.24 14.34
N PRO C 165 -14.15 -29.54 14.67
CA PRO C 165 -14.75 -30.54 13.78
C PRO C 165 -16.19 -30.22 13.39
N ALA C 166 -16.99 -29.69 14.31
CA ALA C 166 -18.37 -29.35 13.97
C ALA C 166 -18.43 -28.30 12.87
N GLU C 167 -17.47 -27.36 12.85
CA GLU C 167 -17.47 -26.36 11.80
C GLU C 167 -16.91 -26.90 10.49
N GLN C 168 -16.05 -27.93 10.54
CA GLN C 168 -15.64 -28.58 9.30
C GLN C 168 -16.83 -29.19 8.59
N ILE C 169 -17.79 -29.72 9.35
CA ILE C 169 -18.92 -30.37 8.72
C ILE C 169 -20.04 -29.38 8.41
N PHE C 170 -20.37 -28.49 9.35
CA PHE C 170 -21.54 -27.61 9.23
C PHE C 170 -21.23 -26.15 8.90
N GLY C 171 -19.95 -25.78 8.77
CA GLY C 171 -19.60 -24.46 8.28
C GLY C 171 -19.22 -23.50 9.40
N THR C 172 -18.45 -22.48 9.05
CA THR C 172 -18.00 -21.45 9.98
C THR C 172 -18.42 -20.06 9.50
N THR C 173 -18.06 -19.03 10.25
CA THR C 173 -18.43 -17.67 9.89
C THR C 173 -17.20 -16.78 9.78
N ALA C 174 -17.25 -15.79 8.87
CA ALA C 174 -16.09 -14.93 8.67
C ALA C 174 -16.52 -13.47 8.52
N ILE C 175 -15.56 -12.58 8.80
CA ILE C 175 -15.67 -11.16 8.45
C ILE C 175 -14.43 -10.77 7.65
N VAL C 176 -14.56 -9.66 6.94
CA VAL C 176 -13.41 -8.95 6.36
C VAL C 176 -13.03 -7.84 7.34
N PRO C 177 -11.79 -7.78 7.82
CA PRO C 177 -11.44 -6.76 8.82
C PRO C 177 -11.61 -5.34 8.31
N ARG C 178 -12.16 -4.47 9.17
CA ARG C 178 -12.22 -3.03 8.90
C ARG C 178 -10.86 -2.37 9.10
N HIS C 179 -10.01 -2.95 9.95
CA HIS C 179 -8.84 -2.29 10.47
C HIS C 179 -7.51 -2.92 10.09
N VAL C 180 -7.52 -4.11 9.48
CA VAL C 180 -6.31 -4.89 9.24
C VAL C 180 -6.28 -5.36 7.79
N ARG C 181 -5.06 -5.42 7.24
CA ARG C 181 -4.80 -6.05 5.96
C ARG C 181 -3.65 -7.04 6.12
N ARG C 182 -3.51 -7.95 5.15
CA ARG C 182 -2.41 -8.90 5.17
C ARG C 182 -1.10 -8.22 4.77
N ALA C 183 -0.03 -8.52 5.51
CA ALA C 183 1.32 -8.07 5.13
C ALA C 183 1.64 -8.50 3.71
N GLY C 184 2.27 -7.61 2.95
CA GLY C 184 2.59 -7.89 1.57
C GLY C 184 3.90 -8.63 1.37
N ARG C 185 4.05 -9.19 0.16
CA ARG C 185 5.22 -10.01 -0.17
C ARG C 185 6.51 -9.21 -0.09
N ASN C 186 6.45 -7.87 -0.15
CA ASN C 186 7.63 -7.02 0.00
C ASN C 186 7.85 -6.51 1.42
N THR C 187 7.07 -6.99 2.41
CA THR C 187 7.28 -6.59 3.78
C THR C 187 7.65 -7.85 4.56
N VAL C 188 6.73 -8.42 5.33
CA VAL C 188 6.90 -9.74 5.94
C VAL C 188 6.23 -10.71 4.97
N ASP C 189 7.03 -11.40 4.18
CA ASP C 189 6.54 -12.11 2.97
C ASP C 189 5.63 -13.29 3.32
N PRO C 190 4.34 -13.24 2.98
CA PRO C 190 3.45 -14.37 3.32
C PRO C 190 3.66 -15.60 2.45
N THR C 191 4.49 -15.53 1.40
CA THR C 191 4.72 -16.74 0.61
C THR C 191 5.78 -17.64 1.23
N ILE C 192 6.40 -17.25 2.34
CA ILE C 192 7.22 -18.16 3.12
C ILE C 192 6.55 -18.34 4.48
N ASN C 194 5.59 -18.56 8.10
CA ASN C 194 6.32 -17.86 9.16
C ASN C 194 5.46 -17.68 10.39
N TYR C 195 6.11 -17.39 11.53
CA TYR C 195 5.47 -17.19 12.82
C TYR C 195 5.09 -15.73 13.07
N GLN C 196 5.19 -14.85 12.07
CA GLN C 196 4.97 -13.42 12.32
C GLN C 196 3.49 -13.16 12.07
N TRP C 197 2.67 -13.39 13.11
CA TRP C 197 1.22 -13.38 12.99
C TRP C 197 0.59 -12.04 13.41
N GLY C 198 1.36 -10.95 13.44
CA GLY C 198 0.84 -9.67 13.94
C GLY C 198 -0.48 -9.27 13.30
N ASP C 199 -0.55 -9.32 11.96
CA ASP C 199 -1.78 -8.97 11.29
C ASP C 199 -2.83 -10.05 11.45
N LEU C 200 -2.40 -11.32 11.48
CA LEU C 200 -3.34 -12.43 11.58
C LEU C 200 -4.01 -12.46 12.95
N THR C 201 -3.22 -12.27 14.02
CA THR C 201 -3.77 -12.17 15.37
C THR C 201 -4.72 -10.99 15.50
N ALA C 202 -4.30 -9.82 14.99
CA ALA C 202 -5.20 -8.66 15.00
C ALA C 202 -6.51 -8.95 14.28
N ALA C 203 -6.46 -9.63 13.12
CA ALA C 203 -7.69 -9.92 12.39
C ALA C 203 -8.56 -10.90 13.17
N SER C 204 -7.94 -11.87 13.86
CA SER C 204 -8.70 -12.81 14.66
C SER C 204 -9.42 -12.11 15.82
N PHE C 205 -8.74 -11.17 16.48
CA PHE C 205 -9.41 -10.42 17.54
C PHE C 205 -10.58 -9.63 16.99
N GLU C 206 -10.42 -9.00 15.83
CA GLU C 206 -11.54 -8.24 15.26
C GLU C 206 -12.72 -9.15 14.95
N ALA C 207 -12.44 -10.33 14.36
CA ALA C 207 -13.50 -11.31 14.13
C ALA C 207 -14.24 -11.64 15.42
N LYS C 208 -13.49 -11.97 16.48
CA LYS C 208 -14.10 -12.28 17.76
C LYS C 208 -14.87 -11.08 18.30
N ASP C 209 -14.31 -9.87 18.19
CA ASP C 209 -15.05 -8.67 18.57
C ASP C 209 -16.38 -8.56 17.84
N ARG C 210 -16.42 -8.98 16.58
CA ARG C 210 -17.64 -8.82 15.78
C ARG C 210 -18.50 -10.06 15.78
N GLY C 211 -18.18 -11.05 16.60
CA GLY C 211 -19.01 -12.21 16.71
C GLY C 211 -18.84 -13.24 15.62
N ALA C 212 -17.76 -13.16 14.83
CA ALA C 212 -17.49 -14.13 13.78
C ALA C 212 -16.35 -15.03 14.23
N ARG C 213 -16.26 -16.22 13.61
CA ARG C 213 -15.21 -17.14 14.00
C ARG C 213 -13.84 -16.72 13.46
N THR C 214 -13.79 -16.20 12.23
CA THR C 214 -12.50 -15.97 11.59
C THR C 214 -12.57 -14.77 10.64
N ALA C 215 -11.43 -14.46 10.04
CA ALA C 215 -11.27 -13.29 9.18
C ALA C 215 -10.71 -13.72 7.84
N ILE C 216 -11.15 -13.08 6.77
CA ILE C 216 -10.50 -13.16 5.48
C ILE C 216 -9.84 -11.81 5.21
N LEU C 217 -8.51 -11.80 5.15
CA LEU C 217 -7.74 -10.57 4.95
C LEU C 217 -7.58 -10.24 3.47
N LEU C 218 -7.62 -8.94 3.16
CA LEU C 218 -7.28 -8.41 1.84
C LEU C 218 -5.82 -7.95 1.84
N ASP C 219 -5.26 -7.80 0.64
CA ASP C 219 -3.93 -7.21 0.52
C ASP C 219 -4.09 -5.70 0.23
N SER C 220 -2.98 -5.02 -0.09
CA SER C 220 -3.07 -3.57 -0.13
C SER C 220 -3.83 -3.05 -1.34
N ASP C 221 -4.03 -3.88 -2.37
CA ASP C 221 -4.82 -3.53 -3.54
C ASP C 221 -6.27 -4.03 -3.44
N ASN C 222 -6.72 -4.43 -2.26
CA ASN C 222 -8.08 -4.95 -2.03
C ASN C 222 -8.34 -6.26 -2.79
N CYS C 223 -7.29 -7.05 -3.05
CA CYS C 223 -7.45 -8.42 -3.52
C CYS C 223 -7.43 -9.37 -2.34
N VAL C 224 -8.09 -10.52 -2.49
CA VAL C 224 -8.06 -11.49 -1.38
C VAL C 224 -6.64 -11.95 -1.14
N ALA C 225 -6.27 -12.07 0.15
CA ALA C 225 -4.97 -12.58 0.53
C ALA C 225 -5.18 -13.96 1.11
N GLU C 226 -5.43 -14.10 2.39
CA GLU C 226 -5.61 -15.39 3.06
C GLU C 226 -6.11 -15.08 4.47
N GLY C 227 -6.27 -16.13 5.26
CA GLY C 227 -6.76 -15.94 6.59
C GLY C 227 -5.72 -16.29 7.63
N PRO C 228 -6.08 -16.16 8.91
CA PRO C 228 -5.15 -16.53 9.99
C PRO C 228 -4.91 -18.03 10.02
N GLY C 229 -3.89 -18.50 9.30
CA GLY C 229 -3.53 -19.91 9.29
C GLY C 229 -4.16 -20.74 8.19
N PHE C 230 -4.71 -20.11 7.16
CA PHE C 230 -5.37 -20.88 6.10
C PHE C 230 -5.43 -20.08 4.80
N ASN C 231 -5.46 -20.81 3.68
CA ASN C 231 -5.79 -20.24 2.39
C ASN C 231 -7.30 -20.14 2.24
N VAL C 232 -7.73 -19.31 1.30
CA VAL C 232 -9.15 -19.11 1.00
C VAL C 232 -9.39 -19.51 -0.46
N CYS C 233 -10.41 -20.32 -0.70
CA CYS C 233 -10.79 -20.67 -2.05
C CYS C 233 -12.19 -20.14 -2.31
N ILE C 234 -12.42 -19.64 -3.52
CA ILE C 234 -13.65 -18.94 -3.89
C ILE C 234 -14.28 -19.67 -5.08
N VAL C 235 -15.54 -20.05 -4.93
CA VAL C 235 -16.30 -20.72 -5.99
C VAL C 235 -17.27 -19.73 -6.61
N LYS C 236 -17.25 -19.62 -7.92
CA LYS C 236 -18.20 -18.77 -8.62
C LYS C 236 -18.50 -19.38 -9.98
N ASP C 237 -19.79 -19.58 -10.28
CA ASP C 237 -20.26 -20.11 -11.58
C ASP C 237 -19.55 -21.42 -11.92
N GLY C 238 -19.47 -22.32 -10.93
CA GLY C 238 -18.87 -23.63 -11.13
C GLY C 238 -17.37 -23.66 -11.26
N LYS C 239 -16.68 -22.54 -11.03
CA LYS C 239 -15.24 -22.47 -11.11
C LYS C 239 -14.64 -22.21 -9.72
N LEU C 240 -13.41 -22.67 -9.53
CA LEU C 240 -12.71 -22.52 -8.26
C LEU C 240 -11.53 -21.59 -8.47
N ALA C 241 -11.36 -20.62 -7.57
CA ALA C 241 -10.22 -19.71 -7.61
C ALA C 241 -9.60 -19.57 -6.22
N SER C 242 -8.32 -19.21 -6.21
CA SER C 242 -7.60 -18.97 -4.97
C SER C 242 -6.49 -17.94 -5.23
N PRO C 243 -6.25 -17.04 -4.28
CA PRO C 243 -5.23 -15.99 -4.47
C PRO C 243 -3.85 -16.50 -4.84
N SER C 244 -3.21 -15.81 -5.78
CA SER C 244 -1.89 -16.17 -6.26
C SER C 244 -0.78 -15.33 -5.65
N ARG C 245 -1.05 -14.10 -5.18
CA ARG C 245 0.06 -13.26 -4.72
C ARG C 245 0.33 -13.35 -3.22
N ASN C 246 -0.48 -12.68 -2.37
CA ASN C 246 -0.17 -12.51 -0.94
C ASN C 246 -0.82 -13.63 -0.11
N ALA C 247 -0.32 -14.83 -0.32
CA ALA C 247 -0.90 -16.04 0.27
C ALA C 247 0.17 -17.11 0.27
N LEU C 248 0.15 -17.95 1.30
CA LEU C 248 1.03 -19.10 1.31
C LEU C 248 0.65 -20.05 0.18
N PRO C 249 1.62 -20.57 -0.58
CA PRO C 249 1.31 -21.71 -1.46
C PRO C 249 1.05 -22.96 -0.64
N GLY C 250 -0.20 -23.10 -0.20
CA GLY C 250 -0.54 -24.15 0.73
C GLY C 250 -0.62 -25.51 0.05
N ILE C 251 -0.29 -26.53 0.83
CA ILE C 251 -0.36 -27.93 0.41
C ILE C 251 -1.80 -28.44 0.45
N THR C 252 -2.60 -28.01 1.44
CA THR C 252 -4.01 -28.35 1.38
C THR C 252 -4.62 -27.74 0.13
N ARG C 253 -4.28 -26.48 -0.17
CA ARG C 253 -4.74 -25.85 -1.41
C ARG C 253 -4.32 -26.65 -2.66
N LYS C 254 -3.06 -27.09 -2.70
CA LYS C 254 -2.60 -27.93 -3.81
C LYS C 254 -3.46 -29.19 -3.92
N THR C 255 -3.75 -29.82 -2.79
CA THR C 255 -4.57 -31.03 -2.78
C THR C 255 -5.97 -30.74 -3.29
N VAL C 256 -6.54 -29.62 -2.84
CA VAL C 256 -7.87 -29.20 -3.25
C VAL C 256 -7.92 -28.95 -4.75
N PHE C 257 -6.86 -28.34 -5.31
CA PHE C 257 -6.86 -28.10 -6.75
C PHE C 257 -6.71 -29.40 -7.54
N GLU C 258 -5.94 -30.36 -7.01
CA GLU C 258 -5.83 -31.65 -7.66
C GLU C 258 -7.16 -32.39 -7.61
N ILE C 259 -7.85 -32.34 -6.48
CA ILE C 259 -9.18 -32.94 -6.39
C ILE C 259 -10.12 -32.29 -7.40
N ALA C 260 -10.11 -30.96 -7.46
CA ALA C 260 -10.96 -30.25 -8.41
C ALA C 260 -10.68 -30.71 -9.84
N ASP C 261 -9.40 -30.76 -10.20
CA ASP C 261 -9.03 -31.16 -11.55
C ASP C 261 -9.58 -32.56 -11.88
N GLN C 262 -9.50 -33.47 -10.91
CA GLN C 262 -10.00 -34.83 -11.11
C GLN C 262 -11.52 -34.85 -11.24
N MET C 263 -12.22 -33.92 -10.58
CA MET C 263 -13.66 -33.79 -10.71
C MET C 263 -14.07 -33.03 -11.97
N GLY C 264 -13.12 -32.59 -12.79
CA GLY C 264 -13.49 -31.81 -13.94
C GLY C 264 -13.81 -30.36 -13.65
N ILE C 265 -13.38 -29.85 -12.49
CA ILE C 265 -13.61 -28.46 -12.11
C ILE C 265 -12.38 -27.64 -12.47
N GLU C 266 -12.60 -26.52 -13.16
CA GLU C 266 -11.52 -25.59 -13.47
C GLU C 266 -11.14 -24.80 -12.22
N ALA C 267 -9.88 -24.90 -11.82
CA ALA C 267 -9.35 -24.24 -10.62
C ALA C 267 -8.15 -23.40 -11.02
N THR C 268 -8.11 -22.14 -10.57
CA THR C 268 -7.11 -21.20 -11.06
C THR C 268 -6.52 -20.41 -9.90
N LEU C 269 -5.20 -20.29 -9.88
CA LEU C 269 -4.55 -19.39 -8.95
C LEU C 269 -4.44 -18.04 -9.65
N ARG C 270 -5.10 -17.03 -9.11
CA ARG C 270 -5.17 -15.73 -9.75
C ARG C 270 -5.52 -14.68 -8.70
N ASP C 271 -5.48 -13.40 -9.10
CA ASP C 271 -6.01 -12.36 -8.23
C ASP C 271 -7.52 -12.51 -8.15
N VAL C 272 -8.04 -12.47 -6.94
CA VAL C 272 -9.47 -12.48 -6.68
C VAL C 272 -9.77 -11.16 -6.02
N THR C 273 -10.61 -10.35 -6.65
CA THR C 273 -10.83 -9.00 -6.10
C THR C 273 -11.81 -9.06 -4.94
N SER C 274 -11.88 -7.96 -4.18
CA SER C 274 -12.84 -7.89 -3.09
C SER C 274 -14.27 -7.98 -3.60
N HIS C 275 -14.55 -7.43 -4.79
CA HIS C 275 -15.87 -7.65 -5.38
C HIS C 275 -16.16 -9.14 -5.51
N GLU C 276 -15.21 -9.90 -6.03
CA GLU C 276 -15.44 -11.33 -6.24
C GLU C 276 -15.64 -12.05 -4.93
N LEU C 277 -14.90 -11.66 -3.87
CA LEU C 277 -15.07 -12.30 -2.59
C LEU C 277 -16.49 -12.11 -2.07
N TYR C 278 -17.04 -10.91 -2.21
CA TYR C 278 -18.36 -10.64 -1.68
C TYR C 278 -19.48 -11.24 -2.53
N ASP C 279 -19.20 -11.55 -3.79
CA ASP C 279 -20.18 -12.12 -4.71
C ASP C 279 -20.07 -13.63 -4.87
N ALA C 280 -19.33 -14.31 -3.99
CA ALA C 280 -19.03 -15.73 -4.15
C ALA C 280 -20.27 -16.60 -4.03
N ASP C 281 -20.30 -17.70 -4.80
CA ASP C 281 -21.29 -18.76 -4.58
C ASP C 281 -20.94 -19.63 -3.37
N GLU C 282 -19.65 -19.90 -3.18
CA GLU C 282 -19.17 -20.63 -2.01
C GLU C 282 -17.84 -20.05 -1.59
N LEU C 283 -17.53 -20.18 -0.30
CA LEU C 283 -16.24 -19.79 0.24
C LEU C 283 -15.73 -20.92 1.14
N MET C 284 -14.43 -21.14 1.11
CA MET C 284 -13.91 -22.16 2.01
C MET C 284 -12.51 -21.77 2.46
N ALA C 285 -12.16 -22.24 3.65
CA ALA C 285 -10.82 -22.14 4.21
C ALA C 285 -10.14 -23.49 4.04
N VAL C 286 -8.85 -23.50 3.68
CA VAL C 286 -8.14 -24.76 3.53
C VAL C 286 -6.79 -24.66 4.24
N THR C 287 -6.48 -25.65 5.08
CA THR C 287 -5.22 -25.66 5.80
C THR C 287 -4.97 -27.06 6.34
N THR C 288 -3.69 -27.33 6.66
CA THR C 288 -3.29 -28.67 7.11
C THR C 288 -4.03 -29.10 8.37
N ALA C 289 -4.15 -28.20 9.36
CA ALA C 289 -4.74 -28.53 10.64
C ALA C 289 -6.27 -28.47 10.55
N GLY C 290 -6.85 -29.50 9.96
CA GLY C 290 -8.29 -29.66 9.90
C GLY C 290 -8.89 -29.69 8.51
N GLY C 291 -8.15 -29.35 7.47
CA GLY C 291 -8.60 -29.65 6.11
C GLY C 291 -9.39 -28.52 5.47
N VAL C 292 -10.61 -28.83 5.07
CA VAL C 292 -11.43 -27.97 4.23
C VAL C 292 -12.63 -27.54 5.05
N THR C 293 -12.72 -26.25 5.36
CA THR C 293 -13.79 -25.71 6.20
C THR C 293 -14.75 -24.88 5.37
N PRO C 294 -16.03 -25.23 5.31
CA PRO C 294 -16.99 -24.36 4.65
C PRO C 294 -17.15 -23.06 5.45
N ILE C 295 -17.31 -21.95 4.73
CA ILE C 295 -17.56 -20.64 5.31
C ILE C 295 -18.97 -20.21 4.92
N ASN C 296 -19.89 -20.27 5.89
CA ASN C 296 -21.32 -20.09 5.62
C ASN C 296 -21.72 -18.65 5.39
N SER C 297 -21.03 -17.70 6.00
CA SER C 297 -21.47 -16.31 5.92
C SER C 297 -20.26 -15.40 5.95
N LEU C 298 -20.42 -14.22 5.35
CA LEU C 298 -19.36 -13.21 5.32
C LEU C 298 -19.95 -11.88 5.77
N ASP C 299 -19.35 -11.26 6.79
CA ASP C 299 -19.89 -10.01 7.34
C ASP C 299 -21.36 -10.17 7.68
N GLY C 300 -21.73 -11.34 8.18
CA GLY C 300 -23.09 -11.63 8.58
C GLY C 300 -23.94 -12.27 7.49
N GLU C 301 -23.74 -11.83 6.26
CA GLU C 301 -24.51 -12.33 5.13
C GLU C 301 -24.29 -13.83 4.89
N ALA C 302 -25.32 -14.50 4.39
CA ALA C 302 -25.23 -15.93 4.07
C ALA C 302 -24.69 -16.17 2.66
N ILE C 303 -23.59 -16.90 2.58
CA ILE C 303 -23.00 -17.24 1.30
C ILE C 303 -23.86 -18.37 0.74
N GLY C 304 -24.42 -18.16 -0.46
CA GLY C 304 -25.35 -19.15 -0.97
C GLY C 304 -26.55 -19.23 -0.06
N ASN C 305 -26.92 -20.44 0.33
CA ASN C 305 -28.04 -20.64 1.25
C ASN C 305 -27.60 -20.62 2.72
N GLY C 306 -26.39 -20.18 3.01
CA GLY C 306 -25.92 -20.08 4.38
C GLY C 306 -25.49 -21.38 5.00
N ALA C 307 -25.36 -22.44 4.21
CA ALA C 307 -24.89 -23.74 4.67
C ALA C 307 -23.78 -24.16 3.72
N PRO C 308 -23.01 -25.23 4.04
CA PRO C 308 -21.89 -25.60 3.17
C PRO C 308 -22.31 -25.80 1.72
N GLY C 309 -21.53 -25.25 0.80
CA GLY C 309 -21.87 -25.29 -0.61
C GLY C 309 -21.58 -26.66 -1.20
N PRO C 310 -22.23 -26.96 -2.32
CA PRO C 310 -22.06 -28.32 -2.89
C PRO C 310 -20.64 -28.65 -3.30
N MET C 311 -19.94 -27.75 -3.98
CA MET C 311 -18.55 -28.06 -4.35
C MET C 311 -17.66 -28.21 -3.12
N THR C 312 -17.88 -27.39 -2.09
CA THR C 312 -17.06 -27.49 -0.88
C THR C 312 -17.22 -28.85 -0.22
N VAL C 313 -18.47 -29.30 -0.07
CA VAL C 313 -18.73 -30.60 0.54
C VAL C 313 -18.08 -31.72 -0.26
N ALA C 314 -18.25 -31.69 -1.59
CA ALA C 314 -17.65 -32.74 -2.42
C ALA C 314 -16.14 -32.78 -2.28
N ILE C 315 -15.50 -31.60 -2.31
CA ILE C 315 -14.05 -31.55 -2.18
C ILE C 315 -13.61 -31.97 -0.79
N ARG C 316 -14.31 -31.47 0.24
CA ARG C 316 -13.93 -31.82 1.62
C ARG C 316 -14.03 -33.32 1.86
N ASP C 317 -15.14 -33.92 1.46
CA ASP C 317 -15.33 -35.35 1.71
C ASP C 317 -14.28 -36.17 0.97
N ARG C 318 -13.94 -35.78 -0.26
CA ARG C 318 -12.88 -36.48 -0.99
C ARG C 318 -11.53 -36.34 -0.28
N PHE C 319 -11.26 -35.14 0.26
CA PHE C 319 -9.99 -34.87 0.92
C PHE C 319 -9.76 -35.83 2.07
N TRP C 320 -10.79 -36.09 2.88
CA TRP C 320 -10.61 -36.94 4.06
C TRP C 320 -10.47 -38.41 3.67
N ALA C 321 -11.07 -38.82 2.56
CA ALA C 321 -10.89 -40.19 2.07
C ALA C 321 -9.45 -40.47 1.68
N LEU C 322 -8.71 -39.45 1.21
CA LEU C 322 -7.32 -39.62 0.82
C LEU C 322 -6.45 -40.12 1.97
N MET C 323 -6.85 -39.89 3.22
CA MET C 323 -6.06 -40.28 4.37
C MET C 323 -6.01 -41.80 4.54
N ASP C 324 -6.92 -42.54 3.90
CA ASP C 324 -7.00 -43.99 4.06
C ASP C 324 -6.60 -44.80 2.82
N GLU C 325 -6.43 -44.16 1.67
CA GLU C 325 -6.10 -44.88 0.43
C GLU C 325 -4.60 -44.98 0.24
N PRO C 326 -4.03 -46.19 0.22
CA PRO C 326 -2.59 -46.31 -0.07
C PRO C 326 -2.22 -45.66 -1.40
N GLY C 327 -1.06 -45.01 -1.41
CA GLY C 327 -0.64 -44.25 -2.56
C GLY C 327 0.43 -43.23 -2.22
N PRO C 328 0.82 -42.43 -3.21
CA PRO C 328 1.95 -41.50 -3.02
C PRO C 328 1.68 -40.39 -2.03
N LEU C 329 0.41 -40.10 -1.69
CA LEU C 329 0.07 -38.98 -0.81
C LEU C 329 0.24 -39.26 0.67
N ILE C 330 0.29 -40.53 1.07
CA ILE C 330 0.36 -40.90 2.48
C ILE C 330 1.46 -41.92 2.68
N GLU C 331 1.98 -41.95 3.90
CA GLU C 331 2.93 -42.98 4.32
C GLU C 331 2.51 -43.43 5.72
N ALA C 332 2.43 -44.75 5.92
CA ALA C 332 2.04 -45.27 7.22
C ALA C 332 3.20 -45.16 8.20
N ILE C 333 2.92 -44.60 9.38
CA ILE C 333 3.91 -44.57 10.44
C ILE C 333 4.08 -45.97 11.01
N GLU C 334 5.29 -46.28 11.43
CA GLU C 334 5.61 -47.59 12.02
C GLU C 334 5.75 -47.40 13.52
N TYR C 335 4.66 -47.66 14.23
CA TYR C 335 4.60 -47.53 15.67
C TYR C 335 5.26 -48.75 16.31
N THR D 3 11.13 23.39 -14.76
CA THR D 3 10.90 23.17 -16.20
C THR D 3 9.53 22.53 -16.44
N GLY D 4 8.75 23.14 -17.31
CA GLY D 4 7.37 22.77 -17.51
C GLY D 4 7.08 21.73 -18.57
N THR D 5 8.09 21.04 -19.08
CA THR D 5 7.91 19.98 -20.07
C THR D 5 8.51 18.69 -19.55
N SER D 6 7.68 17.66 -19.41
CA SER D 6 8.12 16.32 -19.07
C SER D 6 8.79 15.68 -20.30
N ASN D 7 9.11 14.39 -20.19
CA ASN D 7 9.63 13.64 -21.33
C ASN D 7 8.54 12.97 -22.15
N LEU D 8 7.27 13.18 -21.81
CA LEU D 8 6.17 12.56 -22.55
C LEU D 8 5.84 13.34 -23.82
N VAL D 9 5.52 12.61 -24.89
CA VAL D 9 5.13 13.26 -26.13
C VAL D 9 3.81 14.01 -25.91
N ALA D 10 3.75 15.24 -26.41
CA ALA D 10 2.51 16.00 -26.35
C ALA D 10 1.49 15.40 -27.31
N VAL D 11 0.30 15.11 -26.81
CA VAL D 11 -0.77 14.53 -27.61
C VAL D 11 -1.49 15.71 -28.25
N GLU D 12 -1.02 16.12 -29.42
CA GLU D 12 -1.57 17.26 -30.16
C GLU D 12 -1.21 17.06 -31.63
N PRO D 13 -1.88 17.78 -32.54
CA PRO D 13 -1.56 17.62 -33.96
C PRO D 13 -0.11 17.99 -34.25
N GLY D 14 0.56 17.14 -35.03
CA GLY D 14 1.96 17.35 -35.35
C GLY D 14 2.31 17.01 -36.79
N ALA D 15 3.60 16.97 -37.09
CA ALA D 15 4.08 16.66 -38.43
C ALA D 15 3.58 15.29 -38.89
N ILE D 16 3.16 15.22 -40.15
CA ILE D 16 2.66 13.98 -40.72
C ILE D 16 3.77 12.94 -40.86
N ARG D 17 4.97 13.40 -41.21
CA ARG D 17 6.13 12.50 -41.39
C ARG D 17 7.23 13.02 -40.47
N GLU D 18 8.00 12.08 -39.97
CA GLU D 18 9.16 12.33 -39.15
C GLU D 18 10.26 11.37 -39.60
N ASP D 19 11.52 11.80 -39.47
CA ASP D 19 12.63 10.95 -39.86
C ASP D 19 12.68 9.67 -39.04
N THR D 20 12.92 8.55 -39.72
CA THR D 20 13.14 7.23 -39.16
C THR D 20 14.44 6.65 -39.69
N PRO D 21 15.09 5.76 -38.96
CA PRO D 21 16.43 5.26 -39.37
C PRO D 21 16.37 4.57 -40.72
N PRO D 22 17.26 4.94 -41.63
CA PRO D 22 17.23 4.34 -42.98
C PRO D 22 17.49 2.85 -42.95
N GLY D 23 16.74 2.12 -43.79
CA GLY D 23 16.84 0.68 -43.85
C GLY D 23 16.17 -0.05 -42.70
N SER D 24 15.65 0.67 -41.71
CA SER D 24 14.95 0.06 -40.59
C SER D 24 13.54 -0.38 -40.98
N VAL D 25 12.93 -1.17 -40.09
CA VAL D 25 11.60 -1.71 -40.31
C VAL D 25 10.51 -0.65 -40.24
N ILE D 26 10.83 0.57 -39.81
CA ILE D 26 9.85 1.64 -39.64
C ILE D 26 10.04 2.66 -40.76
N GLN D 27 9.06 2.75 -41.67
CA GLN D 27 9.12 3.73 -42.76
C GLN D 27 7.75 4.33 -42.97
N TYR D 28 7.68 5.66 -43.00
CA TYR D 28 6.44 6.36 -43.28
C TYR D 28 6.05 6.17 -44.76
N SER D 29 4.77 6.37 -45.05
CA SER D 29 4.28 6.37 -46.43
C SER D 29 4.76 7.61 -47.19
N ASP D 30 4.97 7.42 -48.48
CA ASP D 30 5.35 8.50 -49.36
C ASP D 30 4.11 9.05 -50.04
N TYR D 31 3.67 10.21 -49.58
CA TYR D 31 2.48 10.85 -50.10
C TYR D 31 2.42 12.27 -49.73
N GLU D 32 1.44 12.98 -50.25
CA GLU D 32 1.37 14.41 -50.05
C GLU D 32 -0.07 14.81 -49.68
N LEU D 33 -0.30 15.77 -48.78
CA LEU D 33 -1.69 16.00 -48.39
C LEU D 33 -2.36 17.01 -49.31
N ASP D 34 -3.63 16.77 -49.66
CA ASP D 34 -4.41 17.71 -50.47
C ASP D 34 -5.07 18.78 -49.63
N HIS D 35 -4.45 19.92 -49.47
CA HIS D 35 -5.02 20.90 -48.60
C HIS D 35 -6.16 21.69 -49.15
N SER D 36 -6.88 21.15 -50.11
CA SER D 36 -8.06 21.84 -50.60
C SER D 36 -9.25 21.41 -49.76
N SER D 37 -9.13 20.26 -49.13
CA SER D 37 -10.04 19.86 -48.04
C SER D 37 -9.56 20.45 -46.72
N PRO D 38 -10.44 21.10 -45.95
CA PRO D 38 -10.00 21.63 -44.64
C PRO D 38 -9.71 20.53 -43.62
N PHE D 39 -10.20 19.31 -43.84
CA PHE D 39 -9.95 18.15 -42.99
C PHE D 39 -8.57 17.53 -43.18
N ALA D 40 -7.84 17.92 -44.23
CA ALA D 40 -6.57 17.29 -44.52
C ALA D 40 -5.60 17.42 -43.34
N GLY D 41 -5.10 16.28 -42.86
CA GLY D 41 -4.10 16.29 -41.81
C GLY D 41 -4.62 16.07 -40.41
N GLY D 42 -5.94 16.06 -40.22
CA GLY D 42 -6.47 15.88 -38.88
C GLY D 42 -7.94 16.16 -38.79
N VAL D 43 -8.67 15.17 -38.24
CA VAL D 43 -10.12 15.20 -38.15
C VAL D 43 -10.52 14.87 -36.71
N ALA D 44 -11.47 15.62 -36.18
CA ALA D 44 -12.11 15.31 -34.92
C ALA D 44 -13.60 15.15 -35.15
N TRP D 45 -14.21 14.27 -34.36
CA TRP D 45 -15.65 14.02 -34.39
C TRP D 45 -16.17 14.30 -32.98
N ILE D 46 -16.82 15.46 -32.80
CA ILE D 46 -17.19 15.97 -31.48
C ILE D 46 -18.66 16.40 -31.53
N GLU D 47 -19.47 15.86 -30.63
CA GLU D 47 -20.90 16.19 -30.53
C GLU D 47 -21.58 15.92 -31.88
N GLY D 48 -21.24 14.79 -32.49
CA GLY D 48 -21.86 14.30 -33.70
C GLY D 48 -21.44 14.97 -34.99
N GLU D 49 -20.46 15.87 -34.95
CA GLU D 49 -20.07 16.66 -36.11
C GLU D 49 -18.58 16.52 -36.37
N PHE D 50 -18.22 16.27 -37.63
CA PHE D 50 -16.83 16.20 -38.05
C PHE D 50 -16.22 17.59 -38.14
N LEU D 51 -14.99 17.76 -37.68
CA LEU D 51 -14.33 19.06 -37.75
C LEU D 51 -12.82 18.98 -37.81
N PRO D 52 -12.19 19.91 -38.53
CA PRO D 52 -10.73 19.94 -38.59
C PRO D 52 -10.15 19.87 -37.18
N ALA D 53 -8.98 19.23 -37.06
CA ALA D 53 -8.44 18.91 -35.74
C ALA D 53 -8.18 20.18 -34.91
N GLU D 54 -7.65 21.23 -35.54
CA GLU D 54 -7.30 22.44 -34.79
C GLU D 54 -8.53 23.13 -34.17
N ASP D 55 -9.72 22.89 -34.70
CA ASP D 55 -10.94 23.47 -34.13
C ASP D 55 -11.57 22.60 -33.05
N ALA D 56 -11.02 21.42 -32.78
CA ALA D 56 -11.69 20.49 -31.89
C ALA D 56 -11.67 21.01 -30.45
N LYS D 57 -12.86 21.16 -29.87
CA LYS D 57 -13.02 21.72 -28.54
C LYS D 57 -14.17 21.02 -27.84
N ILE D 58 -14.06 20.93 -26.50
CA ILE D 58 -15.05 20.29 -25.64
C ILE D 58 -15.48 21.28 -24.57
N SER D 59 -16.69 21.07 -24.04
CA SER D 59 -17.17 21.92 -22.96
C SER D 59 -16.26 21.80 -21.75
N ILE D 60 -15.86 22.94 -21.17
CA ILE D 60 -15.06 22.89 -19.95
C ILE D 60 -15.80 22.19 -18.83
N PHE D 61 -17.13 22.08 -18.92
CA PHE D 61 -17.95 21.48 -17.88
C PHE D 61 -18.19 19.98 -18.10
N ASP D 62 -17.55 19.37 -19.10
CA ASP D 62 -17.61 17.91 -19.22
C ASP D 62 -16.93 17.30 -17.99
N THR D 63 -17.64 16.39 -17.32
CA THR D 63 -17.07 15.74 -16.14
C THR D 63 -15.86 14.88 -16.50
N GLY D 64 -15.71 14.52 -17.77
CA GLY D 64 -14.47 13.96 -18.27
C GLY D 64 -13.27 14.88 -18.05
N PHE D 65 -13.51 16.17 -17.93
CA PHE D 65 -12.44 17.11 -17.56
C PHE D 65 -12.37 17.22 -16.04
N GLY D 66 -13.42 17.77 -15.42
CA GLY D 66 -13.34 18.14 -14.01
C GLY D 66 -13.14 16.97 -13.05
N HIS D 67 -13.57 15.77 -13.45
CA HIS D 67 -13.34 14.56 -12.67
C HIS D 67 -12.56 13.50 -13.46
N SER D 68 -12.07 13.81 -14.65
CA SER D 68 -11.43 12.80 -15.50
C SER D 68 -12.25 11.53 -15.54
N ASP D 69 -13.57 11.69 -15.62
CA ASP D 69 -14.51 10.59 -15.52
C ASP D 69 -14.77 10.09 -16.95
N LEU D 70 -13.91 9.19 -17.41
CA LEU D 70 -13.85 8.74 -18.81
C LEU D 70 -13.01 7.47 -18.91
N THR D 71 -13.09 6.85 -20.09
CA THR D 71 -12.09 5.89 -20.51
C THR D 71 -11.84 6.15 -22.00
N TYR D 72 -10.79 5.54 -22.53
CA TYR D 72 -10.44 5.85 -23.91
C TYR D 72 -9.59 4.72 -24.46
N THR D 73 -9.41 4.75 -25.79
CA THR D 73 -8.44 3.88 -26.41
C THR D 73 -7.80 4.61 -27.59
N VAL D 74 -6.63 4.11 -28.00
CA VAL D 74 -5.88 4.67 -29.12
C VAL D 74 -5.50 3.52 -30.05
N ALA D 75 -5.92 3.60 -31.31
CA ALA D 75 -5.45 2.68 -32.33
C ALA D 75 -4.51 3.45 -33.26
N HIS D 76 -3.60 2.74 -33.92
CA HIS D 76 -2.72 3.43 -34.85
C HIS D 76 -3.06 2.99 -36.28
N VAL D 77 -2.78 3.88 -37.22
CA VAL D 77 -2.86 3.58 -38.65
C VAL D 77 -1.44 3.66 -39.19
N TRP D 78 -1.04 2.66 -39.97
CA TRP D 78 0.29 2.63 -40.58
C TRP D 78 0.13 2.17 -42.02
N HIS D 79 0.68 2.95 -42.97
CA HIS D 79 0.57 2.63 -44.39
C HIS D 79 -0.90 2.47 -44.82
N GLY D 80 -1.76 3.34 -44.30
CA GLY D 80 -3.17 3.29 -44.62
C GLY D 80 -3.94 2.13 -44.00
N ASN D 81 -3.32 1.36 -43.11
CA ASN D 81 -3.99 0.24 -42.47
C ASN D 81 -4.18 0.53 -40.99
N ILE D 82 -5.43 0.43 -40.50
CA ILE D 82 -5.72 0.57 -39.09
C ILE D 82 -5.56 -0.79 -38.41
N PHE D 83 -4.95 -0.79 -37.23
CA PHE D 83 -4.49 -2.03 -36.61
C PHE D 83 -5.42 -2.40 -35.46
N ARG D 84 -6.05 -3.58 -35.58
CA ARG D 84 -6.80 -4.24 -34.50
C ARG D 84 -7.92 -3.36 -33.93
N LEU D 85 -8.63 -2.67 -34.82
CA LEU D 85 -9.67 -1.75 -34.37
C LEU D 85 -10.75 -2.47 -33.57
N GLY D 86 -11.08 -3.70 -33.96
CA GLY D 86 -12.12 -4.44 -33.25
C GLY D 86 -11.74 -4.71 -31.80
N ASP D 87 -10.48 -5.07 -31.56
CA ASP D 87 -10.03 -5.30 -30.19
C ASP D 87 -10.08 -3.99 -29.40
N HIS D 88 -9.69 -2.90 -30.04
CA HIS D 88 -9.72 -1.60 -29.37
C HIS D 88 -11.14 -1.20 -29.00
N LEU D 89 -12.10 -1.45 -29.89
CA LEU D 89 -13.49 -1.13 -29.59
C LEU D 89 -14.04 -2.04 -28.48
N ASP D 90 -13.70 -3.33 -28.53
CA ASP D 90 -14.08 -4.24 -27.46
C ASP D 90 -13.58 -3.74 -26.11
N ARG D 91 -12.29 -3.37 -26.04
CA ARG D 91 -11.74 -2.90 -24.77
C ARG D 91 -12.38 -1.59 -24.34
N LEU D 92 -12.54 -0.65 -25.27
CA LEU D 92 -13.14 0.65 -24.95
C LEU D 92 -14.53 0.47 -24.34
N LEU D 93 -15.35 -0.36 -24.98
CA LEU D 93 -16.72 -0.56 -24.52
C LEU D 93 -16.77 -1.37 -23.23
N ASP D 94 -15.83 -2.29 -23.04
CA ASP D 94 -15.78 -3.06 -21.80
C ASP D 94 -15.48 -2.16 -20.61
N GLY D 95 -14.48 -1.28 -20.75
CA GLY D 95 -14.18 -0.33 -19.69
C GLY D 95 -15.29 0.66 -19.46
N ALA D 96 -15.94 1.11 -20.53
CA ALA D 96 -17.05 2.04 -20.36
C ALA D 96 -18.17 1.39 -19.55
N ARG D 97 -18.45 0.11 -19.81
CA ARG D 97 -19.42 -0.61 -19.01
C ARG D 97 -18.98 -0.68 -17.54
N LYS D 98 -17.70 -0.96 -17.29
CA LYS D 98 -17.25 -1.03 -15.91
C LYS D 98 -17.36 0.32 -15.23
N LEU D 99 -17.30 1.41 -15.98
CA LEU D 99 -17.48 2.75 -15.45
C LEU D 99 -18.92 3.21 -15.45
N ARG D 100 -19.86 2.35 -15.83
CA ARG D 100 -21.27 2.69 -15.95
C ARG D 100 -21.48 3.81 -16.98
N LEU D 101 -20.67 3.81 -18.02
CA LEU D 101 -20.74 4.81 -19.08
C LEU D 101 -21.43 4.21 -20.30
N ASP D 102 -22.29 5.00 -20.95
CA ASP D 102 -23.02 4.58 -22.15
C ASP D 102 -22.60 5.45 -23.32
N ALA D 103 -21.83 4.87 -24.25
CA ALA D 103 -21.36 5.64 -25.39
C ALA D 103 -22.52 6.11 -26.27
N GLY D 104 -23.64 5.40 -26.24
CA GLY D 104 -24.77 5.68 -27.09
C GLY D 104 -24.64 5.21 -28.51
N TYR D 105 -23.49 4.66 -28.90
CA TYR D 105 -23.25 4.17 -30.25
C TYR D 105 -22.81 2.72 -30.16
N THR D 106 -23.17 1.92 -31.16
CA THR D 106 -22.73 0.52 -31.13
C THR D 106 -21.29 0.41 -31.61
N LYS D 107 -20.73 -0.78 -31.43
CA LYS D 107 -19.35 -1.02 -31.85
C LYS D 107 -19.19 -0.80 -33.35
N ASP D 108 -20.13 -1.32 -34.14
CA ASP D 108 -20.02 -1.16 -35.59
C ASP D 108 -20.13 0.30 -36.01
N GLU D 109 -21.03 1.08 -35.39
CA GLU D 109 -21.13 2.50 -35.72
C GLU D 109 -19.85 3.25 -35.35
N LEU D 110 -19.27 2.94 -34.19
CA LEU D 110 -18.02 3.61 -33.80
C LEU D 110 -16.90 3.25 -34.76
N ALA D 111 -16.86 2.00 -35.22
CA ALA D 111 -15.88 1.64 -36.24
C ALA D 111 -16.06 2.48 -37.50
N ASP D 112 -17.31 2.62 -37.97
CA ASP D 112 -17.54 3.39 -39.19
C ASP D 112 -17.11 4.84 -39.04
N ILE D 113 -17.51 5.47 -37.93
CA ILE D 113 -17.15 6.87 -37.70
C ILE D 113 -15.65 7.03 -37.60
N THR D 114 -14.98 6.06 -36.95
CA THR D 114 -13.53 6.14 -36.76
C THR D 114 -12.80 6.04 -38.09
N LYS D 115 -13.13 5.03 -38.88
CA LYS D 115 -12.49 4.87 -40.18
C LYS D 115 -12.80 6.06 -41.09
N GLN D 116 -14.00 6.60 -40.97
CA GLN D 116 -14.34 7.80 -41.72
C GLN D 116 -13.47 8.97 -41.28
N CYS D 117 -13.18 9.07 -39.98
CA CYS D 117 -12.31 10.12 -39.46
C CYS D 117 -10.91 10.03 -40.08
N VAL D 118 -10.36 8.81 -40.16
CA VAL D 118 -9.04 8.66 -40.77
C VAL D 118 -9.10 9.02 -42.24
N SER D 119 -10.06 8.45 -42.96
CA SER D 119 -10.18 8.70 -44.40
C SER D 119 -10.19 10.18 -44.69
N MET D 120 -11.11 10.91 -44.04
CA MET D 120 -11.19 12.36 -44.27
C MET D 120 -9.90 13.08 -43.94
N SER D 121 -9.14 12.60 -42.94
CA SER D 121 -7.89 13.26 -42.62
C SER D 121 -6.84 13.09 -43.71
N GLN D 122 -6.97 12.02 -44.50
CA GLN D 122 -6.04 11.62 -45.57
C GLN D 122 -4.75 11.03 -45.03
N LEU D 123 -4.65 10.81 -43.71
CA LEU D 123 -3.39 10.41 -43.10
C LEU D 123 -3.19 8.91 -43.32
N ARG D 124 -2.03 8.56 -43.88
CA ARG D 124 -1.71 7.14 -44.01
C ARG D 124 -1.07 6.60 -42.73
N GLU D 125 -0.44 7.46 -41.94
CA GLU D 125 0.05 7.12 -40.60
C GLU D 125 -0.63 8.03 -39.60
N SER D 126 -1.36 7.45 -38.66
CA SER D 126 -2.24 8.24 -37.82
C SER D 126 -2.31 7.69 -36.39
N PHE D 127 -2.47 8.63 -35.46
CA PHE D 127 -2.78 8.38 -34.06
C PHE D 127 -4.27 8.63 -33.90
N VAL D 128 -5.01 7.59 -33.50
CA VAL D 128 -6.48 7.58 -33.52
C VAL D 128 -6.99 7.34 -32.11
N ASN D 129 -7.74 8.31 -31.57
CA ASN D 129 -8.22 8.26 -30.19
C ASN D 129 -9.74 8.23 -30.19
N LEU D 130 -10.32 7.31 -29.41
CA LEU D 130 -11.74 7.32 -29.05
C LEU D 130 -11.83 7.49 -27.54
N THR D 131 -12.57 8.52 -27.10
CA THR D 131 -12.79 8.83 -25.70
C THR D 131 -14.28 8.83 -25.38
N VAL D 132 -14.66 8.21 -24.27
CA VAL D 132 -16.04 8.20 -23.77
C VAL D 132 -16.06 8.81 -22.37
N THR D 133 -16.80 9.92 -22.21
CA THR D 133 -16.84 10.66 -20.95
C THR D 133 -18.22 10.63 -20.29
N ARG D 134 -18.23 10.97 -19.00
CA ARG D 134 -19.47 11.13 -18.25
C ARG D 134 -20.29 12.29 -18.75
N GLY D 135 -19.66 13.25 -19.43
CA GLY D 135 -20.41 14.27 -20.14
C GLY D 135 -20.90 15.40 -19.25
N TYR D 136 -21.99 16.03 -19.68
CA TYR D 136 -22.56 17.15 -18.95
C TYR D 136 -24.07 17.18 -19.19
N GLY D 137 -24.77 18.02 -18.43
CA GLY D 137 -26.21 18.17 -18.54
C GLY D 137 -26.74 18.49 -19.94
N LEU D 148 -27.96 14.47 -17.72
CA LEU D 148 -26.58 14.01 -17.91
C LEU D 148 -26.46 13.16 -19.17
N THR D 149 -25.67 13.63 -20.14
CA THR D 149 -25.56 12.97 -21.43
C THR D 149 -24.09 12.60 -21.63
N HIS D 150 -23.81 11.29 -21.68
CA HIS D 150 -22.44 10.84 -21.88
C HIS D 150 -21.97 11.22 -23.29
N GLN D 151 -20.69 11.53 -23.41
CA GLN D 151 -20.13 12.07 -24.64
C GLN D 151 -19.09 11.11 -25.22
N VAL D 152 -19.06 11.01 -26.55
CA VAL D 152 -18.02 10.30 -27.28
C VAL D 152 -17.27 11.32 -28.13
N TYR D 153 -15.96 11.33 -28.02
CA TYR D 153 -15.10 12.17 -28.84
C TYR D 153 -14.11 11.27 -29.56
N ILE D 154 -13.91 11.51 -30.86
CA ILE D 154 -12.96 10.74 -31.67
C ILE D 154 -12.08 11.71 -32.42
N TYR D 155 -10.80 11.37 -32.56
CA TYR D 155 -9.96 12.16 -33.46
C TYR D 155 -8.92 11.24 -34.08
N ALA D 156 -8.49 11.63 -35.28
CA ALA D 156 -7.39 10.97 -35.98
C ALA D 156 -6.42 12.07 -36.35
N ILE D 157 -5.20 11.99 -35.82
CA ILE D 157 -4.23 13.06 -36.00
C ILE D 157 -2.92 12.44 -36.50
N PRO D 158 -1.91 13.22 -36.87
CA PRO D 158 -0.67 12.61 -37.35
C PRO D 158 -0.02 11.73 -36.30
N TYR D 159 0.78 10.78 -36.77
CA TYR D 159 1.34 9.76 -35.89
C TYR D 159 2.11 10.37 -34.74
N LEU D 160 1.96 9.77 -33.57
CA LEU D 160 2.66 10.22 -32.37
C LEU D 160 3.53 9.09 -31.84
N TRP D 161 4.68 9.46 -31.30
CA TRP D 161 5.68 8.48 -30.86
C TRP D 161 5.87 8.59 -29.34
N ALA D 162 5.49 7.53 -28.61
CA ALA D 162 5.81 7.49 -27.18
C ALA D 162 7.31 7.57 -26.97
N PHE D 163 8.07 6.91 -27.83
CA PHE D 163 9.51 7.01 -27.94
C PHE D 163 9.86 7.33 -29.39
N PRO D 164 10.87 8.18 -29.61
CA PRO D 164 11.21 8.57 -30.97
C PRO D 164 11.60 7.34 -31.81
N PRO D 165 11.38 7.40 -33.13
CA PRO D 165 11.75 6.25 -33.98
C PRO D 165 13.16 5.76 -33.77
N ALA D 166 14.11 6.66 -33.55
CA ALA D 166 15.49 6.24 -33.33
C ALA D 166 15.61 5.37 -32.09
N GLU D 167 14.80 5.65 -31.06
CA GLU D 167 14.85 4.82 -29.87
C GLU D 167 14.10 3.50 -30.08
N GLN D 168 13.13 3.48 -31.00
CA GLN D 168 12.50 2.21 -31.35
C GLN D 168 13.52 1.25 -31.94
N ILE D 169 14.46 1.78 -32.72
CA ILE D 169 15.44 0.95 -33.40
C ILE D 169 16.64 0.67 -32.51
N PHE D 170 17.14 1.70 -31.83
CA PHE D 170 18.40 1.58 -31.07
C PHE D 170 18.21 1.55 -29.56
N GLY D 171 16.99 1.67 -29.04
CA GLY D 171 16.73 1.47 -27.63
C GLY D 171 16.67 2.78 -26.84
N THR D 172 15.96 2.74 -25.70
CA THR D 172 15.79 3.88 -24.82
C THR D 172 16.36 3.54 -23.43
N THR D 173 16.25 4.48 -22.50
CA THR D 173 16.81 4.34 -21.16
C THR D 173 15.71 4.50 -20.11
N ALA D 174 15.84 3.82 -18.96
CA ALA D 174 14.82 3.88 -17.92
C ALA D 174 15.44 3.94 -16.52
N ILE D 175 14.64 4.45 -15.58
CA ILE D 175 14.89 4.36 -14.16
C ILE D 175 13.64 3.78 -13.50
N VAL D 176 13.83 3.26 -12.28
CA VAL D 176 12.73 2.96 -11.38
C VAL D 176 12.60 4.15 -10.43
N PRO D 177 11.44 4.80 -10.34
CA PRO D 177 11.35 6.00 -9.48
C PRO D 177 11.67 5.69 -8.03
N ARG D 178 12.47 6.58 -7.42
CA ARG D 178 12.68 6.54 -5.96
C ARG D 178 11.46 7.04 -5.19
N HIS D 179 10.66 7.90 -5.82
CA HIS D 179 9.63 8.65 -5.12
C HIS D 179 8.20 8.37 -5.56
N VAL D 180 7.99 7.60 -6.62
CA VAL D 180 6.66 7.40 -7.19
C VAL D 180 6.39 5.91 -7.36
N ARG D 181 5.14 5.52 -7.15
CA ARG D 181 4.66 4.18 -7.50
C ARG D 181 3.40 4.32 -8.36
N ARG D 182 3.03 3.23 -9.03
CA ARG D 182 1.82 3.22 -9.86
C ARG D 182 0.58 3.14 -9.00
N ALA D 183 -0.45 3.92 -9.36
CA ALA D 183 -1.73 3.78 -8.68
C ALA D 183 -2.24 2.34 -8.76
N GLY D 184 -2.80 1.85 -7.66
CA GLY D 184 -3.29 0.48 -7.62
C GLY D 184 -4.68 0.33 -8.18
N ARG D 185 -5.03 -0.92 -8.50
CA ARG D 185 -6.32 -1.23 -9.11
C ARG D 185 -7.50 -0.86 -8.21
N ASN D 186 -7.28 -0.69 -6.90
CA ASN D 186 -8.33 -0.27 -5.96
C ASN D 186 -8.36 1.24 -5.73
N THR D 187 -7.54 2.03 -6.46
CA THR D 187 -7.59 3.46 -6.30
C THR D 187 -8.02 4.02 -7.65
N VAL D 188 -7.08 4.57 -8.43
CA VAL D 188 -7.34 4.95 -9.81
C VAL D 188 -6.91 3.75 -10.65
N ASP D 189 -7.88 2.96 -11.09
CA ASP D 189 -7.65 1.61 -11.62
C ASP D 189 -6.88 1.64 -12.93
N PRO D 190 -5.63 1.16 -12.97
CA PRO D 190 -4.89 1.18 -14.24
C PRO D 190 -5.35 0.13 -15.24
N THR D 191 -6.23 -0.80 -14.86
CA THR D 191 -6.74 -1.77 -15.82
C THR D 191 -7.85 -1.22 -16.72
N ILE D 192 -8.26 0.02 -16.51
CA ILE D 192 -9.13 0.73 -17.44
C ILE D 192 -8.36 1.93 -17.98
N ASN D 194 -7.10 5.31 -18.93
CA ASN D 194 -7.63 6.55 -18.35
C ASN D 194 -6.62 7.68 -18.50
N TYR D 195 -7.11 8.91 -18.37
CA TYR D 195 -6.32 10.13 -18.51
C TYR D 195 -5.74 10.60 -17.19
N GLN D 196 -5.82 9.81 -16.13
CA GLN D 196 -5.40 10.28 -14.82
C GLN D 196 -3.93 9.90 -14.68
N TRP D 197 -3.04 10.78 -15.16
CA TRP D 197 -1.61 10.47 -15.27
C TRP D 197 -0.75 11.03 -14.12
N GLY D 198 -1.37 11.41 -13.01
CA GLY D 198 -0.61 12.05 -11.94
C GLY D 198 0.67 11.32 -11.57
N ASP D 199 0.58 10.01 -11.38
CA ASP D 199 1.78 9.23 -11.03
C ASP D 199 2.69 9.05 -12.24
N LEU D 200 2.12 8.89 -13.44
CA LEU D 200 2.92 8.68 -14.64
C LEU D 200 3.72 9.93 -14.99
N THR D 201 3.08 11.10 -14.92
CA THR D 201 3.75 12.38 -15.13
C THR D 201 4.84 12.61 -14.10
N ALA D 202 4.53 12.37 -12.83
CA ALA D 202 5.56 12.48 -11.79
C ALA D 202 6.76 11.59 -12.09
N ALA D 203 6.51 10.36 -12.56
CA ALA D 203 7.60 9.44 -12.84
C ALA D 203 8.43 9.91 -14.02
N SER D 204 7.76 10.42 -15.06
CA SER D 204 8.45 10.94 -16.22
C SER D 204 9.35 12.11 -15.84
N PHE D 205 8.86 13.02 -14.99
CA PHE D 205 9.71 14.12 -14.51
C PHE D 205 10.90 13.59 -13.73
N GLU D 206 10.69 12.60 -12.87
CA GLU D 206 11.83 12.04 -12.14
C GLU D 206 12.83 11.40 -13.11
N ALA D 207 12.33 10.70 -14.12
CA ALA D 207 13.23 10.13 -15.13
C ALA D 207 14.07 11.22 -15.79
N LYS D 208 13.42 12.30 -16.24
CA LYS D 208 14.17 13.38 -16.88
C LYS D 208 15.15 14.02 -15.91
N ASP D 209 14.74 14.24 -14.66
CA ASP D 209 15.68 14.75 -13.66
C ASP D 209 16.93 13.87 -13.55
N ARG D 210 16.79 12.56 -13.72
CA ARG D 210 17.92 11.66 -13.54
C ARG D 210 18.62 11.33 -14.86
N GLY D 211 18.24 12.00 -15.95
CA GLY D 211 18.88 11.82 -17.23
C GLY D 211 18.44 10.61 -18.00
N ALA D 212 17.31 10.00 -17.64
CA ALA D 212 16.79 8.86 -18.37
C ALA D 212 15.58 9.30 -19.19
N ARG D 213 15.25 8.49 -20.22
CA ARG D 213 14.09 8.86 -21.04
C ARG D 213 12.76 8.55 -20.36
N THR D 214 12.67 7.44 -19.62
CA THR D 214 11.38 6.99 -19.10
C THR D 214 11.56 6.27 -17.77
N ALA D 215 10.43 5.84 -17.21
CA ALA D 215 10.36 5.19 -15.92
C ALA D 215 9.62 3.87 -16.04
N ILE D 216 10.04 2.88 -15.25
CA ILE D 216 9.25 1.68 -15.00
C ILE D 216 8.77 1.77 -13.56
N LEU D 217 7.46 1.86 -13.36
CA LEU D 217 6.88 1.99 -12.02
C LEU D 217 6.61 0.62 -11.39
N LEU D 218 6.81 0.53 -10.07
CA LEU D 218 6.41 -0.62 -9.27
C LEU D 218 5.03 -0.38 -8.67
N ASP D 219 4.36 -1.48 -8.24
CA ASP D 219 3.12 -1.31 -7.47
C ASP D 219 3.43 -1.38 -5.97
N SER D 220 2.40 -1.41 -5.11
CA SER D 220 2.68 -1.21 -3.69
C SER D 220 3.35 -2.42 -3.07
N ASP D 221 3.32 -3.58 -3.73
CA ASP D 221 4.03 -4.76 -3.26
C ASP D 221 5.38 -4.92 -3.97
N ASN D 222 5.89 -3.88 -4.64
CA ASN D 222 7.18 -3.93 -5.34
C ASN D 222 7.18 -4.91 -6.52
N CYS D 223 6.02 -5.16 -7.11
CA CYS D 223 5.95 -5.87 -8.38
C CYS D 223 5.91 -4.84 -9.50
N VAL D 224 6.39 -5.24 -10.68
CA VAL D 224 6.36 -4.32 -11.81
C VAL D 224 4.91 -4.00 -12.15
N ALA D 225 4.66 -2.72 -12.43
CA ALA D 225 3.34 -2.29 -12.84
C ALA D 225 3.43 -1.99 -14.33
N GLU D 226 3.80 -0.79 -14.73
CA GLU D 226 3.88 -0.40 -16.13
C GLU D 226 4.59 0.95 -16.17
N GLY D 227 4.68 1.52 -17.36
CA GLY D 227 5.32 2.81 -17.52
C GLY D 227 4.34 3.88 -17.93
N PRO D 228 4.82 5.12 -18.10
CA PRO D 228 3.93 6.21 -18.51
C PRO D 228 3.47 6.03 -19.94
N GLY D 229 2.34 5.34 -20.14
CA GLY D 229 1.83 5.12 -21.48
C GLY D 229 2.23 3.83 -22.14
N PHE D 230 2.76 2.85 -21.41
CA PHE D 230 3.18 1.61 -22.05
C PHE D 230 3.21 0.44 -21.07
N ASN D 231 2.99 -0.77 -21.61
CA ASN D 231 3.26 -1.95 -20.80
C ASN D 231 4.75 -2.29 -20.87
N VAL D 232 5.20 -3.09 -19.91
CA VAL D 232 6.60 -3.52 -19.83
C VAL D 232 6.63 -5.03 -19.97
N CYS D 233 7.53 -5.53 -20.82
CA CYS D 233 7.74 -6.96 -20.95
C CYS D 233 9.17 -7.26 -20.55
N ILE D 234 9.36 -8.37 -19.84
CA ILE D 234 10.64 -8.75 -19.25
C ILE D 234 11.06 -10.10 -19.81
N VAL D 235 12.29 -10.18 -20.33
CA VAL D 235 12.85 -11.41 -20.89
C VAL D 235 13.87 -11.97 -19.91
N LYS D 236 13.74 -13.25 -19.57
CA LYS D 236 14.72 -13.92 -18.72
C LYS D 236 14.83 -15.39 -19.12
N ASP D 237 16.06 -15.82 -19.43
CA ASP D 237 16.33 -17.22 -19.79
C ASP D 237 15.39 -17.71 -20.90
N GLY D 238 15.22 -16.89 -21.93
CA GLY D 238 14.42 -17.29 -23.07
C GLY D 238 12.92 -17.31 -22.85
N LYS D 239 12.42 -16.82 -21.72
CA LYS D 239 11.00 -16.70 -21.48
C LYS D 239 10.59 -15.23 -21.42
N LEU D 240 9.33 -14.95 -21.76
CA LEU D 240 8.80 -13.60 -21.79
C LEU D 240 7.71 -13.51 -20.72
N ALA D 241 7.77 -12.44 -19.92
CA ALA D 241 6.75 -12.20 -18.89
C ALA D 241 6.29 -10.76 -18.93
N SER D 242 5.07 -10.53 -18.44
CA SER D 242 4.55 -9.17 -18.34
C SER D 242 3.56 -9.08 -17.18
N PRO D 243 3.57 -7.99 -16.42
CA PRO D 243 2.67 -7.86 -15.26
C PRO D 243 1.21 -8.13 -15.57
N SER D 244 0.57 -8.85 -14.66
CA SER D 244 -0.83 -9.20 -14.77
C SER D 244 -1.76 -8.30 -13.97
N ARG D 245 -1.28 -7.65 -12.89
CA ARG D 245 -2.18 -6.91 -12.02
C ARG D 245 -2.28 -5.43 -12.37
N ASN D 246 -1.31 -4.62 -11.97
CA ASN D 246 -1.47 -3.16 -12.02
C ASN D 246 -0.92 -2.62 -13.34
N ALA D 247 -1.61 -2.99 -14.42
CA ALA D 247 -1.18 -2.64 -15.77
C ALA D 247 -2.37 -2.72 -16.70
N LEU D 248 -2.38 -1.83 -17.69
CA LEU D 248 -3.39 -1.96 -18.73
C LEU D 248 -3.24 -3.29 -19.44
N PRO D 249 -4.34 -4.01 -19.69
CA PRO D 249 -4.27 -5.11 -20.66
C PRO D 249 -4.10 -4.57 -22.07
N GLY D 250 -2.84 -4.31 -22.43
CA GLY D 250 -2.57 -3.62 -23.67
C GLY D 250 -2.78 -4.49 -24.90
N ILE D 251 -3.15 -3.83 -26.00
CA ILE D 251 -3.30 -4.51 -27.28
C ILE D 251 -1.94 -4.76 -27.93
N THR D 252 -0.99 -3.83 -27.79
CA THR D 252 0.36 -4.13 -28.28
C THR D 252 0.94 -5.31 -27.53
N ARG D 253 0.77 -5.33 -26.21
CA ARG D 253 1.22 -6.49 -25.43
C ARG D 253 0.55 -7.77 -25.91
N LYS D 254 -0.76 -7.72 -26.15
CA LYS D 254 -1.46 -8.89 -26.70
C LYS D 254 -0.84 -9.35 -28.02
N THR D 255 -0.50 -8.40 -28.91
CA THR D 255 0.14 -8.77 -30.16
C THR D 255 1.52 -9.38 -29.93
N VAL D 256 2.28 -8.78 -29.01
CA VAL D 256 3.60 -9.29 -28.66
C VAL D 256 3.53 -10.73 -28.16
N PHE D 257 2.50 -11.04 -27.37
CA PHE D 257 2.36 -12.42 -26.89
C PHE D 257 1.98 -13.37 -28.02
N GLU D 258 1.22 -12.87 -29.00
CA GLU D 258 0.88 -13.69 -30.15
C GLU D 258 2.11 -13.97 -31.00
N ILE D 259 2.96 -12.95 -31.19
CA ILE D 259 4.21 -13.11 -31.91
C ILE D 259 5.11 -14.13 -31.21
N ALA D 260 5.30 -13.92 -29.91
CA ALA D 260 6.03 -14.86 -29.09
C ALA D 260 5.30 -16.19 -29.19
N ASP D 261 3.99 -16.10 -29.39
CA ASP D 261 3.17 -17.27 -29.63
C ASP D 261 3.53 -17.86 -30.99
N GLN D 262 4.16 -17.06 -31.84
CA GLN D 262 4.56 -17.56 -33.09
C GLN D 262 6.05 -17.92 -32.94
N MET D 263 6.83 -17.22 -32.12
CA MET D 263 8.26 -17.48 -32.00
C MET D 263 8.59 -18.58 -30.98
N GLY D 264 7.73 -19.60 -30.89
CA GLY D 264 7.95 -20.71 -30.00
C GLY D 264 8.48 -20.31 -28.63
N ILE D 265 8.13 -19.10 -28.22
CA ILE D 265 8.57 -18.55 -26.94
C ILE D 265 7.40 -18.58 -25.96
N GLU D 266 7.67 -19.09 -24.76
CA GLU D 266 6.70 -19.10 -23.67
C GLU D 266 6.54 -17.69 -23.11
N ALA D 267 5.32 -17.17 -23.15
CA ALA D 267 4.97 -15.84 -22.69
C ALA D 267 3.87 -15.95 -21.64
N THR D 268 4.05 -15.28 -20.50
CA THR D 268 3.18 -15.47 -19.35
C THR D 268 2.81 -14.12 -18.76
N LEU D 269 1.53 -13.94 -18.46
CA LEU D 269 1.04 -12.78 -17.70
C LEU D 269 1.09 -13.19 -16.24
N ARG D 270 1.92 -12.52 -15.45
CA ARG D 270 2.11 -12.92 -14.06
C ARG D 270 2.70 -11.76 -13.27
N ASP D 271 2.78 -11.95 -11.95
CA ASP D 271 3.51 -10.98 -11.15
C ASP D 271 4.99 -11.14 -11.46
N VAL D 272 5.65 -10.02 -11.71
CA VAL D 272 7.08 -9.94 -11.96
C VAL D 272 7.64 -9.10 -10.81
N THR D 273 8.53 -9.68 -10.01
CA THR D 273 8.99 -8.98 -8.82
C THR D 273 10.04 -7.93 -9.17
N SER D 274 10.33 -7.03 -8.21
CA SER D 274 11.39 -6.07 -8.47
C SER D 274 12.74 -6.74 -8.63
N HIS D 275 12.98 -7.86 -7.93
CA HIS D 275 14.19 -8.65 -8.17
C HIS D 275 14.28 -9.06 -9.64
N GLU D 276 13.20 -9.59 -10.17
CA GLU D 276 13.21 -10.06 -11.55
C GLU D 276 13.45 -8.91 -12.52
N LEU D 277 12.87 -7.74 -12.22
CA LEU D 277 13.07 -6.61 -13.12
C LEU D 277 14.54 -6.24 -13.21
N TYR D 278 15.23 -6.20 -12.06
CA TYR D 278 16.62 -5.75 -12.11
C TYR D 278 17.54 -6.82 -12.68
N ASP D 279 17.11 -8.08 -12.65
CA ASP D 279 17.89 -9.22 -13.15
C ASP D 279 17.50 -9.60 -14.57
N ALA D 280 16.77 -8.76 -15.30
CA ALA D 280 16.27 -9.15 -16.61
C ALA D 280 17.40 -9.34 -17.63
N ASP D 281 17.21 -10.31 -18.55
CA ASP D 281 18.07 -10.39 -19.73
C ASP D 281 17.71 -9.33 -20.77
N GLU D 282 16.42 -9.01 -20.93
CA GLU D 282 15.99 -7.94 -21.83
C GLU D 282 14.76 -7.27 -21.25
N LEU D 283 14.58 -5.99 -21.60
CA LEU D 283 13.40 -5.25 -21.20
C LEU D 283 12.85 -4.51 -22.40
N MET D 284 11.54 -4.39 -22.50
CA MET D 284 10.98 -3.62 -23.61
C MET D 284 9.71 -2.92 -23.13
N ALA D 285 9.41 -1.79 -23.78
CA ALA D 285 8.17 -1.07 -23.61
C ALA D 285 7.29 -1.33 -24.82
N VAL D 286 5.99 -1.51 -24.59
CA VAL D 286 5.08 -1.82 -25.69
C VAL D 286 3.84 -0.95 -25.57
N THR D 287 3.47 -0.29 -26.66
CA THR D 287 2.29 0.56 -26.65
C THR D 287 1.94 0.88 -28.10
N THR D 288 0.67 1.25 -28.30
CA THR D 288 0.18 1.46 -29.68
C THR D 288 0.99 2.54 -30.39
N ALA D 289 1.29 3.63 -29.69
CA ALA D 289 1.97 4.78 -30.29
C ALA D 289 3.47 4.50 -30.37
N GLY D 290 3.85 3.69 -31.36
CA GLY D 290 5.24 3.43 -31.64
C GLY D 290 5.66 1.98 -31.51
N GLY D 291 4.86 1.09 -30.94
CA GLY D 291 5.13 -0.35 -31.04
C GLY D 291 6.00 -0.87 -29.90
N VAL D 292 7.13 -1.47 -30.26
CA VAL D 292 7.98 -2.23 -29.34
C VAL D 292 9.29 -1.47 -29.22
N THR D 293 9.58 -0.96 -28.01
CA THR D 293 10.77 -0.14 -27.77
C THR D 293 11.75 -0.90 -26.87
N PRO D 294 12.97 -1.16 -27.35
CA PRO D 294 13.98 -1.77 -26.49
C PRO D 294 14.37 -0.82 -25.38
N ILE D 295 14.60 -1.35 -24.18
CA ILE D 295 15.07 -0.57 -23.04
C ILE D 295 16.46 -1.06 -22.69
N ASN D 296 17.49 -0.27 -23.04
CA ASN D 296 18.87 -0.72 -22.99
C ASN D 296 19.44 -0.78 -21.57
N SER D 297 18.97 0.09 -20.67
CA SER D 297 19.59 0.19 -19.36
C SER D 297 18.51 0.55 -18.35
N LEU D 298 18.76 0.18 -17.09
CA LEU D 298 17.87 0.48 -15.97
C LEU D 298 18.72 1.08 -14.86
N ASP D 299 18.34 2.27 -14.38
CA ASP D 299 19.08 2.99 -13.34
C ASP D 299 20.57 3.12 -13.71
N GLY D 300 20.84 3.32 -15.01
CA GLY D 300 22.19 3.47 -15.51
C GLY D 300 22.98 2.19 -15.68
N GLU D 301 22.38 1.04 -15.43
CA GLU D 301 23.10 -0.22 -15.56
C GLU D 301 22.65 -0.91 -16.83
N ALA D 302 23.60 -1.44 -17.60
CA ALA D 302 23.27 -2.11 -18.84
C ALA D 302 22.33 -3.27 -18.56
N ILE D 303 21.31 -3.39 -19.40
CA ILE D 303 20.49 -4.60 -19.47
C ILE D 303 21.07 -5.44 -20.60
N GLY D 304 21.54 -6.65 -20.29
CA GLY D 304 22.27 -7.39 -21.31
C GLY D 304 23.52 -6.61 -21.67
N ASN D 305 23.75 -6.41 -22.97
CA ASN D 305 24.91 -5.65 -23.41
C ASN D 305 24.62 -4.15 -23.54
N GLY D 306 23.51 -3.65 -22.99
CA GLY D 306 23.25 -2.24 -23.03
C GLY D 306 22.74 -1.74 -24.37
N ALA D 307 22.36 -2.64 -25.27
CA ALA D 307 21.78 -2.37 -26.57
C ALA D 307 20.58 -3.30 -26.72
N PRO D 308 19.74 -3.08 -27.73
CA PRO D 308 18.52 -3.90 -27.87
C PRO D 308 18.81 -5.40 -27.90
N GLY D 309 17.99 -6.15 -27.16
CA GLY D 309 18.18 -7.56 -27.01
C GLY D 309 17.70 -8.34 -28.22
N PRO D 310 18.21 -9.56 -28.38
CA PRO D 310 17.84 -10.32 -29.59
C PRO D 310 16.36 -10.64 -29.67
N MET D 311 15.76 -11.09 -28.56
CA MET D 311 14.32 -11.38 -28.61
C MET D 311 13.51 -10.12 -28.88
N THR D 312 13.89 -9.00 -28.25
CA THR D 312 13.16 -7.75 -28.50
C THR D 312 13.22 -7.36 -29.97
N VAL D 313 14.41 -7.45 -30.57
CA VAL D 313 14.58 -7.07 -31.97
C VAL D 313 13.69 -7.95 -32.86
N ALA D 314 13.70 -9.26 -32.63
CA ALA D 314 12.89 -10.17 -33.43
C ALA D 314 11.41 -9.86 -33.31
N ILE D 315 10.93 -9.59 -32.09
CA ILE D 315 9.51 -9.30 -31.91
C ILE D 315 9.16 -7.96 -32.54
N ARG D 316 10.00 -6.95 -32.33
CA ARG D 316 9.72 -5.63 -32.89
C ARG D 316 9.64 -5.68 -34.42
N ASP D 317 10.61 -6.34 -35.06
CA ASP D 317 10.63 -6.39 -36.52
C ASP D 317 9.41 -7.12 -37.06
N ARG D 318 9.04 -8.21 -36.40
CA ARG D 318 7.84 -8.94 -36.80
C ARG D 318 6.59 -8.09 -36.59
N PHE D 319 6.57 -7.29 -35.51
CA PHE D 319 5.42 -6.42 -35.26
C PHE D 319 5.23 -5.43 -36.40
N TRP D 320 6.30 -4.83 -36.90
CA TRP D 320 6.12 -3.84 -37.96
C TRP D 320 5.78 -4.50 -39.29
N ALA D 321 6.20 -5.75 -39.51
CA ALA D 321 5.79 -6.46 -40.71
C ALA D 321 4.30 -6.70 -40.74
N LEU D 322 3.67 -6.89 -39.57
CA LEU D 322 2.23 -7.14 -39.53
C LEU D 322 1.44 -6.00 -40.14
N MET D 323 1.98 -4.78 -40.13
CA MET D 323 1.25 -3.63 -40.66
C MET D 323 1.12 -3.68 -42.17
N ASP D 324 1.93 -4.48 -42.87
CA ASP D 324 1.91 -4.56 -44.32
C ASP D 324 1.39 -5.89 -44.83
N GLU D 325 1.22 -6.88 -43.95
CA GLU D 325 0.77 -8.20 -44.35
C GLU D 325 -0.75 -8.25 -44.32
N PRO D 326 -1.41 -8.57 -45.44
CA PRO D 326 -2.86 -8.75 -45.40
C PRO D 326 -3.24 -9.80 -44.38
N GLY D 327 -4.35 -9.56 -43.67
CA GLY D 327 -4.80 -10.47 -42.64
C GLY D 327 -5.82 -9.85 -41.71
N PRO D 328 -6.28 -10.63 -40.73
CA PRO D 328 -7.38 -10.18 -39.86
C PRO D 328 -7.01 -9.03 -38.91
N LEU D 329 -5.73 -8.79 -38.68
CA LEU D 329 -5.28 -7.77 -37.73
C LEU D 329 -5.32 -6.36 -38.30
N ILE D 330 -5.38 -6.22 -39.63
CA ILE D 330 -5.36 -4.88 -40.22
C ILE D 330 -6.52 -4.76 -41.20
N GLU D 331 -6.96 -3.52 -41.39
CA GLU D 331 -7.99 -3.20 -42.38
C GLU D 331 -7.59 -1.92 -43.07
N ALA D 332 -7.62 -1.94 -44.40
CA ALA D 332 -7.21 -0.76 -45.14
C ALA D 332 -8.28 0.31 -45.07
N ILE D 333 -7.84 1.54 -44.87
CA ILE D 333 -8.74 2.68 -44.79
C ILE D 333 -9.06 3.22 -46.18
N GLU D 334 -10.35 3.19 -46.52
CA GLU D 334 -10.79 3.67 -47.83
C GLU D 334 -10.70 5.19 -47.93
N TYR D 335 -9.62 5.67 -48.54
CA TYR D 335 -9.40 7.14 -48.72
C TYR D 335 -10.09 7.73 -49.96
#